data_6LLZ
#
_entry.id   6LLZ
#
_cell.length_a   98.914
_cell.length_b   143.757
_cell.length_c   69.758
_cell.angle_alpha   90.000
_cell.angle_beta   90.000
_cell.angle_gamma   90.000
#
_symmetry.space_group_name_H-M   'P 21 21 2'
#
loop_
_entity.id
_entity.type
_entity.pdbx_description
1 polymer 'UDP-glycosyltransferase 708C1'
2 non-polymer "URIDINE-5'-DIPHOSPHATE-GLUCOSE"
3 water water
#
_entity_poly.entity_id   1
_entity_poly.type   'polypeptide(L)'
_entity_poly.pdbx_seq_one_letter_code
;MMGDLTTSFPATTLTTNDQPHVVVCSGAGMGHLTPFLNLASALSSAPYNCKVTLLIVIPLITDAESHHISSFFSSHPTIH
RLDFHVNLPAPKPNVDPFFLRYKSISDSAHRLPVHLSALSPPISAVFSDFLFTQGLNTTLPHLPNYTFTTTSARFFTLMS
YVPHLAKSSSSSPVEIPGLEPFPTDNIPPPFFNPEHIFTSFTISNAKYFSLSKGILVNTFDSFEPETLSALNSGDTLSDL
PPVIPIGPLNELEHNKQEELLPWLDQQPEKSVLYVSFGNRTAMSSDQILELGMGLERSDCRFIWVVKTSKIDKDDKSELR
KLFGEELYLKLSEKGKLVKWVNQTEILGHTAVGGFLSHCGWNSVMEAARRGVPILAWPQHGDQRENAWVVEKAGLGVWER
EWASGIQAAIVEKVKMIMGNNDLRKSAMKVGEEAKRACDVGGSSATALMNIIGSLKR
;
_entity_poly.pdbx_strand_id   A,B
#
# COMPACT_ATOMS: atom_id res chain seq x y z
N ASP A 18 -1.34 1.79 -30.44
CA ASP A 18 -1.88 0.73 -29.59
C ASP A 18 -2.70 1.32 -28.43
N GLN A 19 -2.78 0.56 -27.33
CA GLN A 19 -3.74 0.80 -26.27
C GLN A 19 -3.35 2.02 -25.42
N PRO A 20 -4.30 2.89 -25.12
CA PRO A 20 -4.00 4.08 -24.32
C PRO A 20 -3.74 3.71 -22.86
N HIS A 21 -2.82 4.43 -22.26
CA HIS A 21 -2.54 4.35 -20.84
C HIS A 21 -3.23 5.53 -20.15
N VAL A 22 -4.17 5.24 -19.26
CA VAL A 22 -4.90 6.28 -18.55
C VAL A 22 -4.73 6.11 -17.05
N VAL A 23 -4.83 7.22 -16.34
CA VAL A 23 -4.75 7.26 -14.87
C VAL A 23 -6.14 7.57 -14.32
N VAL A 24 -6.54 6.81 -13.30
CA VAL A 24 -7.75 7.09 -12.55
C VAL A 24 -7.34 7.53 -11.15
N CYS A 25 -7.73 8.74 -10.77
CA CYS A 25 -7.34 9.37 -9.50
C CYS A 25 -8.52 9.34 -8.53
N SER A 26 -8.50 8.39 -7.59
CA SER A 26 -9.61 8.23 -6.65
C SER A 26 -9.42 9.15 -5.44
N GLY A 27 -10.53 9.37 -4.72
CA GLY A 27 -10.44 10.29 -3.61
C GLY A 27 -10.31 9.64 -2.24
N ALA A 28 -11.29 9.82 -1.37
CA ALA A 28 -11.30 9.18 -0.07
C ALA A 28 -12.75 9.00 0.35
N GLY A 29 -13.00 7.95 1.12
CA GLY A 29 -14.36 7.65 1.51
C GLY A 29 -15.01 6.71 0.52
N MET A 30 -15.87 5.80 1.01
CA MET A 30 -16.44 4.77 0.13
C MET A 30 -17.17 5.38 -1.06
N GLY A 31 -17.97 6.42 -0.82
CA GLY A 31 -18.75 7.04 -1.88
C GLY A 31 -17.89 7.68 -2.96
N HIS A 32 -16.65 8.01 -2.63
CA HIS A 32 -15.72 8.64 -3.57
C HIS A 32 -14.65 7.67 -4.03
N LEU A 33 -14.73 6.41 -3.60
CA LEU A 33 -13.82 5.36 -4.01
C LEU A 33 -14.43 4.39 -5.01
N THR A 34 -15.64 3.89 -4.75
CA THR A 34 -16.16 2.79 -5.58
C THR A 34 -16.39 3.17 -7.03
N PRO A 35 -16.89 4.36 -7.38
CA PRO A 35 -17.03 4.65 -8.82
C PRO A 35 -15.71 4.72 -9.55
N PHE A 36 -14.63 5.12 -8.86
CA PHE A 36 -13.31 5.12 -9.50
C PHE A 36 -12.78 3.70 -9.68
N LEU A 37 -13.02 2.82 -8.70
CA LEU A 37 -12.66 1.43 -8.92
C LEU A 37 -13.46 0.85 -10.07
N ASN A 38 -14.76 1.14 -10.12
CA ASN A 38 -15.59 0.64 -11.22
C ASN A 38 -15.09 1.16 -12.56
N LEU A 39 -14.72 2.44 -12.63
CA LEU A 39 -14.26 2.98 -13.90
C LEU A 39 -12.95 2.32 -14.31
N ALA A 40 -12.01 2.21 -13.37
CA ALA A 40 -10.73 1.56 -13.63
C ALA A 40 -10.94 0.15 -14.16
N SER A 41 -11.85 -0.61 -13.53
CA SER A 41 -12.15 -1.97 -13.97
C SER A 41 -12.71 -1.98 -15.39
N ALA A 42 -13.68 -1.09 -15.67
CA ALA A 42 -14.26 -1.05 -17.01
C ALA A 42 -13.22 -0.68 -18.07
N LEU A 43 -12.37 0.31 -17.78
CA LEU A 43 -11.45 0.79 -18.81
C LEU A 43 -10.35 -0.21 -19.10
N SER A 44 -10.02 -1.09 -18.16
CA SER A 44 -8.97 -2.09 -18.34
C SER A 44 -9.45 -3.31 -19.12
N SER A 45 -10.74 -3.45 -19.35
CA SER A 45 -11.30 -4.65 -19.98
C SER A 45 -11.87 -4.30 -21.35
N ALA A 46 -12.19 -5.35 -22.10
CA ALA A 46 -12.91 -5.16 -23.35
C ALA A 46 -14.23 -4.45 -23.05
N PRO A 47 -14.71 -3.59 -23.96
CA PRO A 47 -14.13 -3.23 -25.26
C PRO A 47 -13.17 -2.04 -25.19
N TYR A 48 -12.93 -1.50 -23.99
CA TYR A 48 -12.10 -0.31 -23.86
C TYR A 48 -10.62 -0.63 -24.01
N ASN A 49 -10.16 -1.71 -23.39
CA ASN A 49 -8.80 -2.22 -23.56
C ASN A 49 -7.74 -1.13 -23.36
N CYS A 50 -7.87 -0.37 -22.27
CA CYS A 50 -6.82 0.56 -21.89
C CYS A 50 -5.85 -0.10 -20.91
N LYS A 51 -4.63 0.43 -20.89
CA LYS A 51 -3.76 0.23 -19.74
C LYS A 51 -4.17 1.22 -18.67
N VAL A 52 -4.42 0.74 -17.45
CA VAL A 52 -4.99 1.58 -16.41
C VAL A 52 -4.05 1.58 -15.22
N THR A 53 -3.66 2.77 -14.77
CA THR A 53 -3.01 2.95 -13.49
C THR A 53 -4.01 3.63 -12.57
N LEU A 54 -4.29 2.99 -11.43
CA LEU A 54 -5.27 3.48 -10.46
C LEU A 54 -4.52 4.12 -9.30
N LEU A 55 -4.68 5.44 -9.14
CA LEU A 55 -4.03 6.15 -8.07
C LEU A 55 -4.89 6.09 -6.80
N ILE A 56 -4.26 5.71 -5.68
CA ILE A 56 -4.89 5.60 -4.38
C ILE A 56 -4.20 6.57 -3.43
N VAL A 57 -4.96 7.43 -2.75
CA VAL A 57 -4.38 8.30 -1.73
C VAL A 57 -4.20 7.49 -0.45
N ILE A 58 -2.99 7.46 0.08
CA ILE A 58 -2.73 6.78 1.34
C ILE A 58 -2.17 7.79 2.34
N PRO A 59 -2.32 7.57 3.66
CA PRO A 59 -3.09 6.48 4.29
C PRO A 59 -4.59 6.59 4.03
N LEU A 60 -5.25 5.44 4.10
CA LEU A 60 -6.70 5.36 4.10
C LEU A 60 -7.22 5.64 5.52
N ILE A 61 -8.46 6.12 5.61
CA ILE A 61 -9.04 6.48 6.91
C ILE A 61 -9.83 5.31 7.52
N THR A 62 -10.58 4.55 6.72
CA THR A 62 -11.46 3.51 7.27
C THR A 62 -11.03 2.13 6.79
N ASP A 63 -11.34 1.13 7.63
CA ASP A 63 -11.03 -0.25 7.29
C ASP A 63 -11.84 -0.71 6.08
N ALA A 64 -13.09 -0.25 5.97
CA ALA A 64 -13.90 -0.58 4.82
C ALA A 64 -13.19 -0.20 3.52
N GLU A 65 -12.61 1.00 3.48
CA GLU A 65 -11.82 1.43 2.34
C GLU A 65 -10.64 0.49 2.10
N SER A 66 -9.89 0.20 3.16
CA SER A 66 -8.66 -0.58 3.00
C SER A 66 -8.95 -1.95 2.41
N HIS A 67 -9.99 -2.61 2.93
CA HIS A 67 -10.31 -3.96 2.46
C HIS A 67 -10.88 -3.94 1.06
N HIS A 68 -11.70 -2.93 0.74
CA HIS A 68 -12.23 -2.82 -0.61
C HIS A 68 -11.11 -2.63 -1.63
N ILE A 69 -10.11 -1.82 -1.29
CA ILE A 69 -9.02 -1.55 -2.22
C ILE A 69 -8.13 -2.78 -2.40
N SER A 70 -7.74 -3.41 -1.29
CA SER A 70 -6.93 -4.63 -1.37
C SER A 70 -7.63 -5.70 -2.20
N SER A 71 -8.90 -5.96 -1.87
CA SER A 71 -9.69 -6.93 -2.62
C SER A 71 -9.75 -6.58 -4.10
N PHE A 72 -9.88 -5.29 -4.41
CA PHE A 72 -9.95 -4.85 -5.80
C PHE A 72 -8.69 -5.22 -6.57
N PHE A 73 -7.52 -4.80 -6.06
CA PHE A 73 -6.29 -5.04 -6.80
C PHE A 73 -5.96 -6.52 -6.90
N SER A 74 -6.34 -7.31 -5.90
CA SER A 74 -6.08 -8.74 -5.98
C SER A 74 -6.95 -9.41 -7.05
N SER A 75 -8.12 -8.85 -7.34
CA SER A 75 -9.01 -9.41 -8.34
C SER A 75 -8.91 -8.71 -9.70
N HIS A 76 -8.06 -7.70 -9.83
CA HIS A 76 -7.80 -7.02 -11.10
C HIS A 76 -6.29 -6.92 -11.31
N PRO A 77 -5.61 -8.04 -11.56
CA PRO A 77 -4.14 -8.03 -11.56
C PRO A 77 -3.51 -7.17 -12.65
N THR A 78 -4.21 -6.88 -13.75
CA THR A 78 -3.63 -6.09 -14.84
C THR A 78 -3.72 -4.60 -14.59
N ILE A 79 -4.39 -4.18 -13.52
CA ILE A 79 -4.50 -2.76 -13.20
C ILE A 79 -3.35 -2.41 -12.26
N HIS A 80 -2.62 -1.35 -12.60
CA HIS A 80 -1.45 -0.97 -11.84
C HIS A 80 -1.84 -0.03 -10.71
N ARG A 81 -1.23 -0.23 -9.56
CA ARG A 81 -1.53 0.59 -8.39
C ARG A 81 -0.49 1.69 -8.27
N LEU A 82 -0.93 2.92 -8.08
CA LEU A 82 -0.04 4.03 -7.75
C LEU A 82 -0.47 4.61 -6.41
N ASP A 83 0.35 4.41 -5.36
CA ASP A 83 0.04 5.02 -4.08
C ASP A 83 0.53 6.45 -4.06
N PHE A 84 -0.36 7.36 -3.72
CA PHE A 84 -0.03 8.79 -3.64
C PHE A 84 -0.11 9.16 -2.17
N HIS A 85 1.06 9.31 -1.53
CA HIS A 85 1.08 9.55 -0.08
C HIS A 85 0.79 11.01 0.22
N VAL A 86 -0.23 11.24 1.04
CA VAL A 86 -0.60 12.56 1.51
C VAL A 86 -0.72 12.46 3.03
N ASN A 87 0.12 13.21 3.75
CA ASN A 87 0.10 13.20 5.21
C ASN A 87 -1.32 13.42 5.73
N LEU A 88 -1.71 12.63 6.71
CA LEU A 88 -3.00 12.84 7.36
C LEU A 88 -2.98 14.19 8.08
N PRO A 89 -3.98 15.03 7.90
CA PRO A 89 -4.01 16.29 8.65
C PRO A 89 -4.36 16.05 10.11
N ALA A 90 -3.84 16.93 10.96
CA ALA A 90 -4.16 16.84 12.38
C ALA A 90 -5.65 17.12 12.59
N PRO A 91 -6.31 16.39 13.49
CA PRO A 91 -7.71 16.70 13.82
C PRO A 91 -7.85 18.09 14.39
N LYS A 92 -9.02 18.70 14.18
CA LYS A 92 -9.31 20.03 14.69
C LYS A 92 -10.70 20.02 15.30
N PRO A 93 -10.88 20.68 16.43
CA PRO A 93 -12.21 20.67 17.08
C PRO A 93 -13.25 21.29 16.16
N ASN A 94 -14.41 20.64 16.08
CA ASN A 94 -15.55 21.11 15.29
C ASN A 94 -15.28 21.11 13.79
N VAL A 95 -14.33 20.31 13.31
CA VAL A 95 -14.09 20.14 11.87
C VAL A 95 -14.20 18.66 11.55
N ASP A 96 -15.03 18.32 10.57
CA ASP A 96 -15.24 16.92 10.22
C ASP A 96 -13.95 16.28 9.71
N PRO A 97 -13.57 15.11 10.23
CA PRO A 97 -12.30 14.48 9.80
C PRO A 97 -12.24 14.15 8.31
N PHE A 98 -13.35 13.71 7.69
CA PHE A 98 -13.28 13.45 6.25
C PHE A 98 -13.11 14.73 5.47
N PHE A 99 -13.78 15.81 5.87
CA PHE A 99 -13.57 17.09 5.20
C PHE A 99 -12.10 17.53 5.31
N LEU A 100 -11.51 17.36 6.49
CA LEU A 100 -10.08 17.63 6.63
C LEU A 100 -9.26 16.78 5.67
N ARG A 101 -9.61 15.51 5.53
CA ARG A 101 -8.88 14.68 4.59
C ARG A 101 -9.08 15.15 3.16
N TYR A 102 -10.33 15.46 2.78
CA TYR A 102 -10.59 15.97 1.43
C TYR A 102 -9.76 17.20 1.15
N LYS A 103 -9.69 18.11 2.13
CA LYS A 103 -8.87 19.30 1.96
C LYS A 103 -7.41 18.96 1.73
N SER A 104 -6.86 18.00 2.51
CA SER A 104 -5.46 17.63 2.32
C SER A 104 -5.20 17.06 0.92
N ILE A 105 -6.18 16.34 0.37
CA ILE A 105 -6.00 15.83 -0.99
C ILE A 105 -6.00 16.98 -1.98
N SER A 106 -6.99 17.87 -1.88
CA SER A 106 -7.02 19.05 -2.74
C SER A 106 -5.74 19.85 -2.65
N ASP A 107 -5.23 20.04 -1.42
CA ASP A 107 -4.00 20.83 -1.22
C ASP A 107 -2.77 20.13 -1.79
N SER A 108 -2.80 18.82 -1.96
CA SER A 108 -1.66 18.06 -2.45
C SER A 108 -1.70 17.79 -3.94
N ALA A 109 -2.85 18.00 -4.60
CA ALA A 109 -2.99 17.56 -5.99
C ALA A 109 -1.91 18.14 -6.90
N HIS A 110 -1.44 19.36 -6.61
CA HIS A 110 -0.43 19.99 -7.47
C HIS A 110 0.89 19.22 -7.52
N ARG A 111 1.12 18.29 -6.60
CA ARG A 111 2.36 17.51 -6.56
C ARG A 111 2.37 16.34 -7.53
N LEU A 112 1.25 16.08 -8.21
CA LEU A 112 1.14 14.91 -9.08
C LEU A 112 2.10 14.86 -10.28
N PRO A 113 2.59 15.97 -10.86
CA PRO A 113 3.44 15.80 -12.06
C PRO A 113 4.59 14.81 -11.92
N VAL A 114 5.40 14.92 -10.87
CA VAL A 114 6.56 14.02 -10.78
C VAL A 114 6.11 12.57 -10.67
N HIS A 115 4.96 12.32 -10.05
CA HIS A 115 4.50 10.94 -9.89
C HIS A 115 3.96 10.38 -11.19
N LEU A 116 3.22 11.16 -11.96
CA LEU A 116 2.66 10.67 -13.21
C LEU A 116 3.69 10.62 -14.34
N SER A 117 4.77 11.41 -14.23
CA SER A 117 5.77 11.44 -15.29
C SER A 117 6.56 10.14 -15.39
N ALA A 118 6.73 9.44 -14.27
CA ALA A 118 7.45 8.17 -14.28
C ALA A 118 6.67 7.03 -14.90
N LEU A 119 5.38 7.20 -15.21
CA LEU A 119 4.58 6.10 -15.70
C LEU A 119 4.87 5.82 -17.17
N SER A 120 4.87 4.54 -17.54
CA SER A 120 5.08 4.20 -18.92
C SER A 120 4.02 3.20 -19.39
N PRO A 121 3.56 3.29 -20.64
CA PRO A 121 3.94 4.31 -21.63
C PRO A 121 3.34 5.67 -21.24
N PRO A 122 3.77 6.76 -21.88
CA PRO A 122 3.26 8.10 -21.53
C PRO A 122 1.73 8.14 -21.49
N ILE A 123 1.17 8.76 -20.44
CA ILE A 123 -0.29 8.65 -20.21
C ILE A 123 -0.99 9.48 -21.26
N SER A 124 -2.17 9.02 -21.64
CA SER A 124 -3.01 9.75 -22.57
C SER A 124 -4.06 10.59 -21.88
N ALA A 125 -4.46 10.25 -20.67
CA ALA A 125 -5.52 11.00 -20.04
C ALA A 125 -5.58 10.64 -18.56
N VAL A 126 -6.19 11.51 -17.77
CA VAL A 126 -6.46 11.25 -16.37
C VAL A 126 -7.95 11.42 -16.12
N PHE A 127 -8.51 10.54 -15.28
CA PHE A 127 -9.90 10.60 -14.83
C PHE A 127 -9.86 10.78 -13.30
N SER A 128 -10.33 11.92 -12.80
CA SER A 128 -9.98 12.34 -11.44
C SER A 128 -11.18 12.79 -10.62
N ASP A 129 -11.09 12.58 -9.30
CA ASP A 129 -12.04 13.17 -8.37
C ASP A 129 -11.95 14.69 -8.44
N PHE A 130 -13.05 15.37 -8.13
CA PHE A 130 -13.00 16.82 -8.32
C PHE A 130 -12.03 17.50 -7.35
N LEU A 131 -11.61 16.82 -6.27
CA LEU A 131 -10.61 17.38 -5.36
C LEU A 131 -9.27 17.64 -6.05
N PHE A 132 -8.98 16.95 -7.17
CA PHE A 132 -7.71 17.10 -7.88
C PHE A 132 -7.74 18.20 -8.96
N THR A 133 -8.88 18.89 -9.13
CA THR A 133 -9.09 19.70 -10.33
C THR A 133 -8.06 20.82 -10.45
N GLN A 134 -7.94 21.64 -9.39
CA GLN A 134 -6.99 22.74 -9.45
C GLN A 134 -5.57 22.24 -9.68
N GLY A 135 -5.16 21.24 -8.89
CA GLY A 135 -3.79 20.75 -9.05
C GLY A 135 -3.50 20.21 -10.44
N LEU A 136 -4.41 19.38 -10.97
CA LEU A 136 -4.16 18.80 -12.28
C LEU A 136 -4.24 19.85 -13.39
N ASN A 137 -5.24 20.72 -13.35
CA ASN A 137 -5.44 21.64 -14.46
C ASN A 137 -4.47 22.82 -14.43
N THR A 138 -3.76 23.05 -13.32
CA THR A 138 -2.70 24.06 -13.30
C THR A 138 -1.32 23.46 -13.58
N THR A 139 -0.99 22.32 -12.98
CA THR A 139 0.37 21.82 -13.15
C THR A 139 0.50 20.81 -14.29
N LEU A 140 -0.60 20.22 -14.77
CA LEU A 140 -0.55 19.34 -15.93
C LEU A 140 -1.54 19.84 -16.96
N PRO A 141 -1.37 21.07 -17.44
CA PRO A 141 -2.41 21.67 -18.30
C PRO A 141 -2.53 21.01 -19.66
N HIS A 142 -1.50 20.28 -20.10
CA HIS A 142 -1.50 19.63 -21.41
C HIS A 142 -2.00 18.19 -21.35
N LEU A 143 -2.28 17.68 -20.17
CA LEU A 143 -2.83 16.34 -20.03
C LEU A 143 -4.34 16.44 -19.95
N PRO A 144 -5.09 15.82 -20.89
CA PRO A 144 -6.55 15.81 -20.77
C PRO A 144 -7.02 15.27 -19.43
N ASN A 145 -7.79 16.07 -18.71
CA ASN A 145 -8.31 15.71 -17.39
C ASN A 145 -9.83 15.64 -17.47
N TYR A 146 -10.40 14.45 -17.22
CA TYR A 146 -11.85 14.29 -17.12
C TYR A 146 -12.19 14.30 -15.64
N THR A 147 -12.87 15.35 -15.21
CA THR A 147 -13.30 15.46 -13.83
C THR A 147 -14.54 14.60 -13.65
N PHE A 148 -14.41 13.57 -12.83
CA PHE A 148 -15.47 12.58 -12.63
C PHE A 148 -16.14 12.94 -11.32
N THR A 149 -17.32 13.57 -11.39
CA THR A 149 -18.05 13.85 -10.17
C THR A 149 -18.79 12.60 -9.73
N THR A 150 -18.94 12.46 -8.41
CA THR A 150 -19.57 11.25 -7.89
C THR A 150 -21.00 11.49 -7.44
N THR A 151 -21.55 12.66 -7.70
CA THR A 151 -22.91 12.96 -7.28
C THR A 151 -23.80 13.01 -8.53
N SER A 152 -25.07 13.36 -8.33
CA SER A 152 -26.00 13.45 -9.45
C SER A 152 -25.63 14.64 -10.36
N ALA A 153 -26.06 14.57 -11.62
CA ALA A 153 -25.89 15.75 -12.48
C ALA A 153 -26.58 16.95 -11.86
N ARG A 154 -27.73 16.72 -11.22
CA ARG A 154 -28.48 17.81 -10.59
C ARG A 154 -27.64 18.49 -9.52
N PHE A 155 -27.09 17.72 -8.57
CA PHE A 155 -26.33 18.36 -7.51
C PHE A 155 -25.01 18.89 -8.01
N PHE A 156 -24.42 18.24 -9.02
CA PHE A 156 -23.17 18.77 -9.56
C PHE A 156 -23.38 20.18 -10.07
N THR A 157 -24.54 20.47 -10.70
CA THR A 157 -24.73 21.82 -11.21
C THR A 157 -24.71 22.83 -10.07
N LEU A 158 -25.32 22.49 -8.93
CA LEU A 158 -25.28 23.38 -7.79
C LEU A 158 -23.85 23.58 -7.29
N MET A 159 -23.07 22.50 -7.21
CA MET A 159 -21.69 22.63 -6.75
C MET A 159 -20.87 23.52 -7.68
N SER A 160 -21.07 23.38 -9.00
CA SER A 160 -20.34 24.22 -9.93
C SER A 160 -20.76 25.68 -9.82
N TYR A 161 -21.91 25.94 -9.23
CA TYR A 161 -22.42 27.29 -9.06
C TYR A 161 -22.00 27.92 -7.74
N VAL A 162 -21.46 27.14 -6.82
CA VAL A 162 -21.11 27.62 -5.48
C VAL A 162 -20.24 28.87 -5.52
N PRO A 163 -19.27 28.99 -6.44
CA PRO A 163 -18.48 30.24 -6.48
C PRO A 163 -19.30 31.49 -6.76
N HIS A 164 -20.54 31.36 -7.23
CA HIS A 164 -21.36 32.52 -7.56
C HIS A 164 -22.44 32.82 -6.52
N LEU A 165 -22.45 32.12 -5.39
CA LEU A 165 -23.49 32.32 -4.38
C LEU A 165 -23.23 33.58 -3.54
N ALA A 166 -24.31 34.23 -3.14
CA ALA A 166 -24.24 35.45 -2.33
C ALA A 166 -24.80 35.24 -0.91
N SER A 170 -27.37 33.69 0.99
CA SER A 170 -28.79 33.96 0.81
C SER A 170 -29.65 32.89 1.46
N SER A 171 -30.92 33.24 1.68
CA SER A 171 -31.92 32.31 2.20
C SER A 171 -33.07 32.13 1.21
N SER A 172 -32.91 32.64 -0.04
CA SER A 172 -33.81 32.56 -1.19
C SER A 172 -33.50 31.31 -2.00
N PRO A 173 -34.47 30.79 -2.75
CA PRO A 173 -34.16 29.70 -3.68
C PRO A 173 -33.05 30.10 -4.62
N VAL A 174 -32.13 29.18 -4.88
CA VAL A 174 -31.06 29.43 -5.84
C VAL A 174 -31.58 29.02 -7.22
N GLU A 175 -31.59 29.96 -8.14
CA GLU A 175 -32.09 29.71 -9.49
C GLU A 175 -30.92 29.85 -10.44
N ILE A 176 -30.38 28.70 -10.85
CA ILE A 176 -29.38 28.66 -11.90
C ILE A 176 -30.18 28.76 -13.20
N PRO A 177 -29.91 29.75 -14.05
CA PRO A 177 -30.75 29.94 -15.24
C PRO A 177 -30.74 28.68 -16.07
N GLY A 178 -31.92 28.32 -16.58
CA GLY A 178 -32.10 27.12 -17.39
C GLY A 178 -32.43 25.87 -16.60
N LEU A 179 -32.34 25.91 -15.27
CA LEU A 179 -32.63 24.76 -14.41
C LEU A 179 -33.71 25.11 -13.40
N GLU A 180 -34.47 24.08 -13.01
CA GLU A 180 -35.43 24.23 -11.93
C GLU A 180 -34.73 24.75 -10.68
N PRO A 181 -35.34 25.67 -9.93
CA PRO A 181 -34.66 26.25 -8.77
C PRO A 181 -34.35 25.24 -7.69
N PHE A 182 -33.30 25.53 -6.92
CA PHE A 182 -32.91 24.72 -5.78
C PHE A 182 -33.49 25.36 -4.52
N PRO A 183 -34.44 24.70 -3.84
CA PRO A 183 -34.97 25.29 -2.60
C PRO A 183 -33.91 25.32 -1.52
N THR A 184 -34.06 26.30 -0.62
CA THR A 184 -33.10 26.53 0.45
C THR A 184 -32.87 25.28 1.29
N ASP A 185 -33.96 24.55 1.62
CA ASP A 185 -33.85 23.38 2.46
C ASP A 185 -33.03 22.26 1.83
N ASN A 186 -32.76 22.33 0.52
CA ASN A 186 -32.01 21.30 -0.15
C ASN A 186 -30.53 21.65 -0.31
N ILE A 187 -30.10 22.83 0.10
CA ILE A 187 -28.73 23.29 -0.09
C ILE A 187 -28.03 23.21 1.24
N PRO A 188 -26.89 22.51 1.37
CA PRO A 188 -26.13 22.52 2.62
C PRO A 188 -25.81 23.94 3.05
N PRO A 189 -26.19 24.34 4.27
CA PRO A 189 -25.97 25.74 4.70
C PRO A 189 -24.54 26.19 4.54
N PRO A 190 -23.52 25.33 4.78
CA PRO A 190 -22.14 25.80 4.58
C PRO A 190 -21.83 26.35 3.18
N PHE A 191 -22.60 25.99 2.14
CA PHE A 191 -22.32 26.48 0.80
C PHE A 191 -22.40 28.00 0.70
N PHE A 192 -23.11 28.64 1.62
CA PHE A 192 -23.22 30.10 1.65
C PHE A 192 -22.10 30.74 2.47
N ASN A 193 -21.16 29.93 2.96
CA ASN A 193 -20.01 30.44 3.71
C ASN A 193 -18.74 30.07 2.97
N PRO A 194 -18.13 30.99 2.21
CA PRO A 194 -16.94 30.63 1.44
C PRO A 194 -15.77 30.18 2.29
N GLU A 195 -15.78 30.49 3.58
CA GLU A 195 -14.71 30.10 4.48
C GLU A 195 -14.91 28.74 5.13
N HIS A 196 -16.09 28.15 4.98
CA HIS A 196 -16.27 26.78 5.44
C HIS A 196 -15.30 25.85 4.71
N ILE A 197 -14.81 24.84 5.42
CA ILE A 197 -13.75 24.00 4.87
C ILE A 197 -14.20 23.33 3.57
N PHE A 198 -15.43 22.79 3.55
CA PHE A 198 -15.93 22.13 2.34
C PHE A 198 -16.17 23.14 1.21
N THR A 199 -16.83 24.25 1.53
CA THR A 199 -17.08 25.27 0.53
C THR A 199 -15.77 25.79 -0.06
N SER A 200 -14.74 25.90 0.77
CA SER A 200 -13.48 26.47 0.31
C SER A 200 -12.85 25.61 -0.79
N PHE A 201 -12.74 24.30 -0.57
CA PHE A 201 -12.13 23.52 -1.64
C PHE A 201 -13.14 23.22 -2.75
N THR A 202 -14.44 23.38 -2.50
CA THR A 202 -15.40 23.32 -3.60
C THR A 202 -15.20 24.51 -4.54
N ILE A 203 -15.05 25.71 -3.97
CA ILE A 203 -14.85 26.89 -4.80
C ILE A 203 -13.53 26.82 -5.55
N SER A 204 -12.44 26.45 -4.84
CA SER A 204 -11.11 26.48 -5.45
C SER A 204 -11.01 25.49 -6.60
N ASN A 205 -11.67 24.34 -6.50
CA ASN A 205 -11.60 23.39 -7.60
C ASN A 205 -12.63 23.68 -8.69
N ALA A 206 -13.83 24.14 -8.32
CA ALA A 206 -14.82 24.47 -9.36
C ALA A 206 -14.31 25.57 -10.26
N LYS A 207 -13.48 26.47 -9.73
CA LYS A 207 -12.94 27.53 -10.58
C LYS A 207 -12.08 27.00 -11.71
N TYR A 208 -11.65 25.74 -11.68
CA TYR A 208 -10.84 25.17 -12.75
C TYR A 208 -11.59 24.12 -13.58
N PHE A 209 -12.90 23.92 -13.35
CA PHE A 209 -13.65 22.97 -14.17
C PHE A 209 -13.55 23.31 -15.65
N SER A 210 -13.50 24.60 -15.99
CA SER A 210 -13.48 25.00 -17.39
C SER A 210 -12.24 24.51 -18.13
N LEU A 211 -11.18 24.14 -17.41
CA LEU A 211 -9.99 23.60 -18.04
C LEU A 211 -10.02 22.09 -18.19
N SER A 212 -11.00 21.43 -17.58
CA SER A 212 -11.14 19.99 -17.72
C SER A 212 -11.62 19.66 -19.13
N LYS A 213 -11.19 18.50 -19.63
CA LYS A 213 -11.63 18.09 -20.96
C LYS A 213 -13.13 17.80 -20.97
N GLY A 214 -13.66 17.35 -19.84
CA GLY A 214 -15.09 17.15 -19.70
C GLY A 214 -15.40 16.85 -18.26
N ILE A 215 -16.69 16.89 -17.92
CA ILE A 215 -17.19 16.43 -16.63
C ILE A 215 -17.88 15.09 -16.87
N LEU A 216 -17.43 14.03 -16.19
CA LEU A 216 -18.11 12.75 -16.28
C LEU A 216 -19.04 12.59 -15.09
N VAL A 217 -20.21 12.01 -15.34
CA VAL A 217 -21.22 11.84 -14.29
C VAL A 217 -21.69 10.39 -14.28
N ASN A 218 -21.79 9.81 -13.09
CA ASN A 218 -22.33 8.46 -12.93
C ASN A 218 -23.85 8.55 -12.99
N THR A 219 -24.36 8.79 -14.19
CA THR A 219 -25.78 8.92 -14.45
C THR A 219 -26.03 8.47 -15.90
N PHE A 220 -27.29 8.49 -16.32
CA PHE A 220 -27.57 8.19 -17.72
C PHE A 220 -28.60 9.17 -18.25
N ASP A 221 -28.60 9.31 -19.59
CA ASP A 221 -29.35 10.37 -20.25
C ASP A 221 -30.83 10.35 -19.86
N SER A 222 -31.46 9.18 -19.86
CA SER A 222 -32.89 9.21 -19.59
C SER A 222 -33.22 9.34 -18.10
N PHE A 223 -32.22 9.33 -17.22
CA PHE A 223 -32.41 9.51 -15.79
C PHE A 223 -32.46 10.99 -15.41
N GLU A 224 -31.61 11.83 -16.02
CA GLU A 224 -31.58 13.26 -15.73
C GLU A 224 -31.61 14.07 -17.02
N PRO A 225 -32.63 13.88 -17.87
CA PRO A 225 -32.58 14.52 -19.20
C PRO A 225 -32.73 16.03 -19.14
N GLU A 226 -33.54 16.55 -18.22
CA GLU A 226 -33.70 18.00 -18.15
C GLU A 226 -32.40 18.68 -17.72
N THR A 227 -31.73 18.14 -16.70
CA THR A 227 -30.47 18.73 -16.28
C THR A 227 -29.41 18.62 -17.38
N LEU A 228 -29.26 17.42 -17.95
CA LEU A 228 -28.19 17.22 -18.92
C LEU A 228 -28.41 18.07 -20.16
N SER A 229 -29.64 18.22 -20.53
CA SER A 229 -29.97 19.05 -21.63
C SER A 229 -29.59 20.50 -21.42
N ALA A 230 -29.89 21.05 -20.26
CA ALA A 230 -29.51 22.39 -20.01
C ALA A 230 -28.00 22.60 -20.02
N LEU A 231 -27.28 21.72 -19.35
CA LEU A 231 -25.87 21.91 -19.22
C LEU A 231 -25.30 21.88 -20.60
N ASN A 232 -25.61 20.84 -21.36
CA ASN A 232 -25.02 20.74 -22.65
C ASN A 232 -25.46 21.81 -23.63
N SER A 233 -26.73 22.07 -23.82
CA SER A 233 -27.21 22.84 -24.94
C SER A 233 -26.40 24.07 -25.09
N GLY A 234 -25.85 24.37 -23.94
CA GLY A 234 -25.23 25.61 -23.67
C GLY A 234 -26.56 26.11 -23.29
N ASP A 235 -26.61 27.26 -22.68
CA ASP A 235 -26.04 27.53 -21.42
C ASP A 235 -27.36 27.44 -20.76
N THR A 236 -27.44 26.78 -19.64
CA THR A 236 -26.76 27.05 -18.39
C THR A 236 -25.29 26.65 -18.25
N LEU A 237 -24.63 27.38 -17.36
CA LEU A 237 -23.25 27.16 -17.03
C LEU A 237 -22.27 27.20 -18.21
N SER A 238 -22.24 28.32 -18.95
CA SER A 238 -21.39 28.58 -20.12
C SER A 238 -20.02 27.92 -20.06
N ASP A 239 -19.33 28.07 -18.94
CA ASP A 239 -17.91 27.80 -18.92
C ASP A 239 -17.58 26.38 -18.52
N LEU A 240 -18.57 25.54 -18.29
CA LEU A 240 -18.29 24.14 -18.10
C LEU A 240 -17.87 23.51 -19.43
N PRO A 241 -16.99 22.52 -19.39
CA PRO A 241 -16.78 21.66 -20.56
C PRO A 241 -17.96 20.72 -20.73
N PRO A 242 -17.97 19.85 -21.75
CA PRO A 242 -19.12 18.95 -21.91
C PRO A 242 -19.33 18.08 -20.67
N VAL A 243 -20.58 17.90 -20.30
CA VAL A 243 -20.95 17.09 -19.14
C VAL A 243 -21.49 15.78 -19.66
N ILE A 244 -20.78 14.70 -19.37
CA ILE A 244 -20.95 13.44 -20.11
C ILE A 244 -21.43 12.33 -19.18
N PRO A 245 -22.65 11.81 -19.36
CA PRO A 245 -23.12 10.68 -18.53
C PRO A 245 -22.39 9.41 -18.93
N ILE A 246 -21.87 8.68 -17.94
CA ILE A 246 -21.17 7.43 -18.23
C ILE A 246 -21.67 6.29 -17.35
N GLY A 247 -22.81 6.49 -16.69
CA GLY A 247 -23.34 5.50 -15.77
C GLY A 247 -24.57 4.78 -16.30
N PRO A 248 -25.02 3.74 -15.59
CA PRO A 248 -24.38 3.21 -14.38
C PRO A 248 -23.12 2.46 -14.73
N LEU A 249 -22.12 2.51 -13.87
CA LEU A 249 -20.88 1.80 -14.13
C LEU A 249 -21.08 0.31 -13.85
N ASN A 250 -20.63 -0.53 -14.80
CA ASN A 250 -20.76 -1.97 -14.63
C ASN A 250 -20.03 -2.44 -13.38
N GLU A 251 -20.73 -3.29 -12.62
CA GLU A 251 -20.36 -3.68 -11.28
C GLU A 251 -19.13 -4.57 -11.27
N LEU A 252 -18.39 -4.50 -10.18
CA LEU A 252 -17.26 -5.38 -9.96
C LEU A 252 -17.74 -6.75 -9.54
N GLU A 253 -16.97 -7.75 -9.89
CA GLU A 253 -17.06 -8.95 -9.09
C GLU A 253 -16.21 -8.84 -7.83
N HIS A 254 -16.78 -9.38 -6.76
CA HIS A 254 -16.21 -9.33 -5.42
C HIS A 254 -15.54 -10.67 -5.11
N ASN A 255 -14.37 -10.57 -4.47
CA ASN A 255 -13.56 -11.71 -4.06
C ASN A 255 -14.43 -12.69 -3.26
N LYS A 256 -14.89 -12.27 -2.09
CA LYS A 256 -15.75 -13.10 -1.26
C LYS A 256 -17.19 -12.95 -1.71
N GLN A 257 -17.88 -14.08 -1.86
CA GLN A 257 -19.30 -14.04 -2.18
C GLN A 257 -20.10 -13.57 -0.97
N GLU A 258 -21.20 -12.87 -1.23
CA GLU A 258 -22.02 -12.31 -0.16
C GLU A 258 -22.61 -13.39 0.72
N GLU A 259 -22.40 -13.22 2.02
CA GLU A 259 -22.75 -14.22 3.04
C GLU A 259 -24.26 -14.44 3.16
N LEU A 260 -25.07 -13.45 2.82
CA LEU A 260 -26.52 -13.56 2.92
C LEU A 260 -27.18 -14.16 1.68
N LEU A 261 -26.42 -14.49 0.65
CA LEU A 261 -27.02 -14.98 -0.57
C LEU A 261 -27.79 -16.29 -0.38
N PRO A 262 -27.28 -17.31 0.32
CA PRO A 262 -28.09 -18.51 0.50
C PRO A 262 -29.40 -18.25 1.22
N TRP A 263 -29.42 -17.32 2.19
CA TRP A 263 -30.68 -16.97 2.83
C TRP A 263 -31.61 -16.27 1.84
N LEU A 264 -31.07 -15.30 1.10
CA LEU A 264 -31.88 -14.60 0.09
C LEU A 264 -32.43 -15.57 -0.95
N ASP A 265 -31.63 -16.57 -1.34
CA ASP A 265 -32.10 -17.56 -2.30
C ASP A 265 -33.37 -18.25 -1.83
N GLN A 266 -33.63 -18.27 -0.52
CA GLN A 266 -34.79 -18.96 0.01
C GLN A 266 -36.02 -18.07 0.15
N GLN A 267 -35.91 -16.77 -0.19
CA GLN A 267 -37.03 -15.86 -0.01
C GLN A 267 -37.79 -15.65 -1.31
N PRO A 268 -39.10 -15.44 -1.23
CA PRO A 268 -39.89 -15.16 -2.44
C PRO A 268 -39.41 -13.91 -3.15
N GLU A 269 -39.69 -13.85 -4.45
CA GLU A 269 -39.28 -12.70 -5.26
C GLU A 269 -39.79 -11.39 -4.67
N LYS A 270 -38.89 -10.41 -4.59
CA LYS A 270 -39.24 -9.03 -4.22
C LYS A 270 -39.92 -8.94 -2.86
N SER A 271 -39.56 -9.82 -1.92
CA SER A 271 -40.15 -9.83 -0.60
C SER A 271 -39.26 -9.24 0.48
N VAL A 272 -38.02 -8.88 0.18
CA VAL A 272 -37.06 -8.44 1.19
C VAL A 272 -36.76 -6.95 1.01
N LEU A 273 -36.93 -6.20 2.09
CA LEU A 273 -36.51 -4.79 2.17
C LEU A 273 -35.02 -4.71 2.53
N TYR A 274 -34.21 -4.07 1.69
CA TYR A 274 -32.83 -3.78 2.05
C TYR A 274 -32.75 -2.39 2.68
N VAL A 275 -32.09 -2.28 3.84
CA VAL A 275 -32.01 -1.02 4.59
C VAL A 275 -30.55 -0.67 4.82
N SER A 276 -30.12 0.46 4.28
CA SER A 276 -28.76 0.91 4.55
C SER A 276 -28.66 2.42 4.44
N PHE A 277 -27.99 3.05 5.42
CA PHE A 277 -27.74 4.49 5.36
C PHE A 277 -26.26 4.82 5.18
N GLY A 278 -25.42 3.81 5.01
CA GLY A 278 -24.01 3.99 4.72
C GLY A 278 -23.21 4.36 5.95
N ASN A 279 -21.89 4.47 5.74
CA ASN A 279 -20.96 4.74 6.83
C ASN A 279 -20.99 6.17 7.33
N ARG A 280 -21.59 7.09 6.60
CA ARG A 280 -21.47 8.51 6.94
C ARG A 280 -22.72 9.09 7.56
N THR A 281 -23.64 8.23 8.01
CA THR A 281 -24.89 8.68 8.59
C THR A 281 -24.77 8.66 10.11
N ALA A 282 -25.33 9.69 10.75
CA ALA A 282 -25.22 9.84 12.19
C ALA A 282 -26.53 9.56 12.92
N MET A 283 -27.17 8.42 12.67
CA MET A 283 -28.39 8.09 13.40
C MET A 283 -28.10 7.76 14.85
N SER A 284 -28.86 8.38 15.75
CA SER A 284 -28.75 8.13 17.17
C SER A 284 -29.34 6.76 17.52
N SER A 285 -29.03 6.32 18.75
CA SER A 285 -29.59 5.09 19.26
C SER A 285 -31.12 5.15 19.32
N ASP A 286 -31.66 6.32 19.67
CA ASP A 286 -33.11 6.50 19.72
C ASP A 286 -33.72 6.33 18.33
N GLN A 287 -33.07 6.89 17.31
CA GLN A 287 -33.59 6.75 15.95
C GLN A 287 -33.50 5.30 15.50
N ILE A 288 -32.40 4.62 15.85
CA ILE A 288 -32.23 3.22 15.45
C ILE A 288 -33.30 2.37 16.14
N LEU A 289 -33.59 2.67 17.40
CA LEU A 289 -34.62 1.94 18.12
C LEU A 289 -35.99 2.10 17.44
N GLU A 290 -36.35 3.33 17.08
CA GLU A 290 -37.64 3.57 16.44
C GLU A 290 -37.73 2.88 15.08
N LEU A 291 -36.63 2.90 14.32
CA LEU A 291 -36.57 2.19 13.06
C LEU A 291 -36.81 0.70 13.26
N GLY A 292 -36.15 0.11 14.26
CA GLY A 292 -36.40 -1.31 14.55
C GLY A 292 -37.85 -1.59 14.92
N MET A 293 -38.44 -0.72 15.74
CA MET A 293 -39.83 -0.88 16.13
C MET A 293 -40.74 -0.84 14.90
N GLY A 294 -40.42 0.04 13.95
CA GLY A 294 -41.21 0.10 12.74
C GLY A 294 -41.07 -1.15 11.89
N LEU A 295 -39.84 -1.64 11.74
CA LEU A 295 -39.62 -2.85 10.95
C LEU A 295 -40.34 -4.06 11.56
N GLU A 296 -40.30 -4.19 12.89
CA GLU A 296 -40.95 -5.33 13.54
C GLU A 296 -42.44 -5.37 13.20
N ARG A 297 -43.05 -4.20 13.03
CA ARG A 297 -44.46 -4.08 12.75
C ARG A 297 -44.81 -4.23 11.27
N SER A 298 -43.83 -4.26 10.37
CA SER A 298 -44.07 -4.46 8.94
C SER A 298 -44.21 -5.94 8.57
N ASP A 299 -44.72 -6.20 7.36
CA ASP A 299 -44.97 -7.56 6.90
C ASP A 299 -43.80 -8.19 6.16
N CYS A 300 -42.93 -7.39 5.55
CA CYS A 300 -41.83 -7.92 4.77
C CYS A 300 -40.67 -8.34 5.67
N ARG A 301 -39.82 -9.19 5.13
CA ARG A 301 -38.52 -9.48 5.73
C ARG A 301 -37.50 -8.42 5.31
N PHE A 302 -36.35 -8.40 5.97
CA PHE A 302 -35.40 -7.31 5.67
C PHE A 302 -33.95 -7.74 5.85
N ILE A 303 -33.07 -6.94 5.26
CA ILE A 303 -31.64 -6.93 5.56
C ILE A 303 -31.31 -5.48 5.91
N TRP A 304 -30.78 -5.28 7.10
CA TRP A 304 -30.56 -3.95 7.66
C TRP A 304 -29.11 -3.88 8.10
N VAL A 305 -28.36 -2.99 7.47
CA VAL A 305 -26.97 -2.74 7.85
C VAL A 305 -26.94 -1.72 8.98
N VAL A 306 -26.53 -2.16 10.17
CA VAL A 306 -26.55 -1.37 11.39
C VAL A 306 -25.12 -1.16 11.86
N LYS A 307 -24.77 0.09 12.16
CA LYS A 307 -23.41 0.40 12.61
C LYS A 307 -23.22 0.00 14.07
N THR A 308 -22.13 -0.72 14.34
CA THR A 308 -21.79 -1.23 15.66
C THR A 308 -20.30 -1.05 15.92
N SER A 309 -19.97 -0.58 17.12
CA SER A 309 -18.57 -0.37 17.49
C SER A 309 -17.76 -1.65 17.60
N LYS A 310 -18.40 -2.81 17.78
CA LYS A 310 -17.67 -4.07 17.83
C LYS A 310 -17.10 -4.40 16.45
N ILE A 311 -15.91 -4.99 16.45
CA ILE A 311 -15.19 -5.16 15.19
C ILE A 311 -15.55 -6.49 14.52
N ASP A 312 -16.00 -7.44 15.32
CA ASP A 312 -16.40 -8.75 14.83
C ASP A 312 -17.81 -8.68 14.26
N LYS A 313 -17.95 -9.02 12.98
CA LYS A 313 -19.21 -8.83 12.27
C LYS A 313 -20.34 -9.65 12.88
N ASP A 314 -20.01 -10.61 13.75
CA ASP A 314 -20.97 -11.56 14.29
C ASP A 314 -21.44 -11.19 15.69
N ASP A 315 -20.81 -10.21 16.33
CA ASP A 315 -21.09 -9.84 17.71
C ASP A 315 -22.30 -8.90 17.71
N LYS A 316 -23.42 -9.38 18.26
CA LYS A 316 -24.67 -8.62 18.27
C LYS A 316 -25.02 -8.06 19.65
N SER A 317 -24.08 -8.09 20.60
CA SER A 317 -24.38 -7.69 21.98
C SER A 317 -24.91 -6.24 22.05
N GLU A 318 -24.33 -5.35 21.24
CA GLU A 318 -24.79 -3.96 21.21
C GLU A 318 -26.24 -3.85 20.73
N LEU A 319 -26.62 -4.66 19.74
CA LEU A 319 -28.01 -4.63 19.27
C LEU A 319 -28.97 -5.15 20.33
N ARG A 320 -28.58 -6.22 21.04
CA ARG A 320 -29.43 -6.75 22.10
C ARG A 320 -29.69 -5.71 23.17
N LYS A 321 -28.66 -4.97 23.57
CA LYS A 321 -28.82 -3.90 24.54
C LYS A 321 -29.70 -2.79 23.99
N LEU A 322 -29.48 -2.39 22.74
CA LEU A 322 -30.21 -1.27 22.17
C LEU A 322 -31.69 -1.59 22.03
N PHE A 323 -32.02 -2.73 21.46
CA PHE A 323 -33.41 -3.08 21.23
C PHE A 323 -34.06 -3.67 22.46
N GLY A 324 -33.29 -4.23 23.38
CA GLY A 324 -33.84 -5.10 24.38
C GLY A 324 -34.08 -6.48 23.82
N GLU A 325 -34.22 -7.46 24.72
CA GLU A 325 -34.20 -8.84 24.26
C GLU A 325 -35.43 -9.21 23.44
N GLU A 326 -36.59 -8.77 23.82
CA GLU A 326 -37.77 -9.15 23.11
C GLU A 326 -37.80 -8.65 21.65
N LEU A 327 -37.49 -7.38 21.49
CA LEU A 327 -37.43 -6.76 20.20
C LEU A 327 -36.34 -7.31 19.37
N TYR A 328 -35.17 -7.53 19.94
CA TYR A 328 -34.08 -8.06 19.18
C TYR A 328 -34.45 -9.42 18.61
N LEU A 329 -35.09 -10.25 19.40
CA LEU A 329 -35.45 -11.58 18.97
C LEU A 329 -36.42 -11.53 17.84
N LYS A 330 -37.40 -10.67 17.98
CA LYS A 330 -38.38 -10.53 16.94
C LYS A 330 -37.72 -10.01 15.63
N LEU A 331 -36.90 -9.00 15.77
CA LEU A 331 -36.17 -8.48 14.62
C LEU A 331 -35.32 -9.55 13.96
N SER A 332 -34.58 -10.32 14.76
CA SER A 332 -33.68 -11.32 14.18
C SER A 332 -34.43 -12.52 13.59
N GLU A 333 -35.66 -12.78 14.05
CA GLU A 333 -36.49 -13.78 13.39
C GLU A 333 -37.01 -13.28 12.06
N LYS A 334 -37.24 -11.97 11.94
CA LYS A 334 -37.88 -11.46 10.74
C LYS A 334 -36.86 -11.01 9.69
N GLY A 335 -35.68 -10.58 10.09
CA GLY A 335 -34.71 -10.13 9.10
C GLY A 335 -33.28 -10.35 9.55
N LYS A 336 -32.33 -9.78 8.81
CA LYS A 336 -30.91 -9.92 9.08
C LYS A 336 -30.37 -8.55 9.53
N LEU A 337 -29.72 -8.52 10.68
CA LEU A 337 -29.03 -7.35 11.20
C LEU A 337 -27.54 -7.58 11.04
N VAL A 338 -26.88 -6.80 10.19
CA VAL A 338 -25.51 -7.09 9.79
C VAL A 338 -24.69 -5.81 9.82
N LYS A 339 -23.38 -5.98 9.79
CA LYS A 339 -22.48 -4.85 9.86
C LYS A 339 -22.03 -4.38 8.50
N TRP A 340 -22.11 -5.23 7.48
CA TRP A 340 -21.64 -4.88 6.15
C TRP A 340 -22.21 -5.90 5.18
N VAL A 341 -22.45 -5.48 3.95
CA VAL A 341 -22.82 -6.37 2.85
C VAL A 341 -22.07 -5.97 1.60
N ASN A 342 -22.06 -6.87 0.61
CA ASN A 342 -21.73 -6.49 -0.75
C ASN A 342 -23.00 -5.94 -1.37
N GLN A 343 -23.14 -4.60 -1.34
CA GLN A 343 -24.41 -3.96 -1.66
C GLN A 343 -24.91 -4.33 -3.05
N THR A 344 -24.03 -4.34 -4.04
CA THR A 344 -24.49 -4.64 -5.41
C THR A 344 -25.02 -6.07 -5.50
N GLU A 345 -24.44 -6.99 -4.73
CA GLU A 345 -24.95 -8.36 -4.71
C GLU A 345 -26.32 -8.43 -4.04
N ILE A 346 -26.56 -7.60 -3.03
CA ILE A 346 -27.90 -7.58 -2.40
C ILE A 346 -28.93 -6.99 -3.36
N LEU A 347 -28.66 -5.79 -3.87
CA LEU A 347 -29.61 -5.11 -4.74
C LEU A 347 -29.84 -5.89 -6.03
N GLY A 348 -28.89 -6.74 -6.41
CA GLY A 348 -29.06 -7.54 -7.61
C GLY A 348 -29.84 -8.82 -7.41
N HIS A 349 -30.21 -9.16 -6.19
CA HIS A 349 -30.89 -10.41 -5.92
C HIS A 349 -32.38 -10.25 -6.16
N THR A 350 -33.00 -11.25 -6.80
CA THR A 350 -34.41 -11.16 -7.14
C THR A 350 -35.30 -11.09 -5.90
N ALA A 351 -34.80 -11.51 -4.75
CA ALA A 351 -35.59 -11.45 -3.53
C ALA A 351 -35.73 -10.04 -2.97
N VAL A 352 -34.87 -9.11 -3.36
CA VAL A 352 -34.93 -7.77 -2.77
C VAL A 352 -35.99 -6.96 -3.52
N GLY A 353 -36.98 -6.45 -2.78
CA GLY A 353 -38.09 -5.75 -3.40
C GLY A 353 -38.11 -4.25 -3.18
N GLY A 354 -37.22 -3.74 -2.35
CA GLY A 354 -37.19 -2.31 -2.09
C GLY A 354 -35.98 -1.94 -1.28
N PHE A 355 -35.71 -0.63 -1.24
CA PHE A 355 -34.44 -0.10 -0.74
C PHE A 355 -34.74 1.15 0.10
N LEU A 356 -34.60 1.05 1.41
CA LEU A 356 -34.65 2.21 2.29
C LEU A 356 -33.23 2.77 2.38
N SER A 357 -33.04 4.00 1.90
CA SER A 357 -31.70 4.48 1.60
C SER A 357 -31.55 5.95 1.97
N HIS A 358 -30.32 6.34 2.31
CA HIS A 358 -30.03 7.76 2.48
C HIS A 358 -29.85 8.47 1.14
N CYS A 359 -29.83 7.72 0.04
CA CYS A 359 -29.66 8.28 -1.31
C CYS A 359 -28.28 8.90 -1.54
N GLY A 360 -27.24 8.34 -0.91
CA GLY A 360 -25.91 8.52 -1.47
C GLY A 360 -25.94 8.10 -2.93
N TRP A 361 -25.22 8.82 -3.80
CA TRP A 361 -25.50 8.69 -5.22
C TRP A 361 -25.07 7.34 -5.76
N ASN A 362 -23.98 6.76 -5.25
CA ASN A 362 -23.63 5.43 -5.71
C ASN A 362 -24.75 4.44 -5.39
N SER A 363 -25.36 4.56 -4.20
CA SER A 363 -26.46 3.66 -3.85
C SER A 363 -27.66 3.88 -4.76
N VAL A 364 -27.97 5.14 -5.08
CA VAL A 364 -29.08 5.41 -6.00
C VAL A 364 -28.84 4.69 -7.32
N MET A 365 -27.62 4.83 -7.86
CA MET A 365 -27.34 4.29 -9.18
C MET A 365 -27.25 2.77 -9.17
N GLU A 366 -26.80 2.16 -8.06
CA GLU A 366 -26.85 0.71 -7.96
C GLU A 366 -28.29 0.19 -7.92
N ALA A 367 -29.18 0.94 -7.24
CA ALA A 367 -30.60 0.57 -7.23
C ALA A 367 -31.24 0.81 -8.60
N ALA A 368 -30.89 1.92 -9.26
CA ALA A 368 -31.39 2.20 -10.61
C ALA A 368 -31.06 1.06 -11.57
N ARG A 369 -29.81 0.60 -11.54
CA ARG A 369 -29.36 -0.49 -12.40
C ARG A 369 -30.28 -1.71 -12.27
N ARG A 370 -30.78 -1.97 -11.07
CA ARG A 370 -31.56 -3.17 -10.82
C ARG A 370 -33.05 -2.88 -10.71
N GLY A 371 -33.48 -1.65 -10.95
CA GLY A 371 -34.90 -1.35 -10.91
C GLY A 371 -35.54 -1.48 -9.54
N VAL A 372 -34.77 -1.26 -8.46
CA VAL A 372 -35.24 -1.48 -7.10
C VAL A 372 -35.88 -0.21 -6.57
N PRO A 373 -37.17 -0.22 -6.21
CA PRO A 373 -37.79 1.00 -5.70
C PRO A 373 -37.13 1.48 -4.41
N ILE A 374 -37.05 2.79 -4.26
CA ILE A 374 -36.31 3.41 -3.16
C ILE A 374 -37.29 4.12 -2.25
N LEU A 375 -37.16 3.88 -0.95
CA LEU A 375 -37.74 4.76 0.06
C LEU A 375 -36.60 5.66 0.54
N ALA A 376 -36.71 6.96 0.26
CA ALA A 376 -35.60 7.89 0.43
C ALA A 376 -35.72 8.63 1.76
N TRP A 377 -34.74 8.42 2.65
CA TRP A 377 -34.59 9.17 3.90
C TRP A 377 -33.26 9.90 3.87
N PRO A 378 -33.16 11.00 3.12
CA PRO A 378 -31.87 11.70 3.00
C PRO A 378 -31.44 12.33 4.31
N GLN A 379 -30.12 12.40 4.49
CA GLN A 379 -29.56 12.81 5.78
C GLN A 379 -28.82 14.14 5.70
N HIS A 380 -28.01 14.34 4.67
CA HIS A 380 -27.18 15.54 4.60
C HIS A 380 -26.60 15.69 3.19
N GLY A 381 -26.01 16.86 2.94
CA GLY A 381 -25.25 17.05 1.71
C GLY A 381 -26.16 17.07 0.48
N ASP A 382 -25.77 16.27 -0.53
CA ASP A 382 -26.51 16.16 -1.79
C ASP A 382 -27.74 15.28 -1.69
N GLN A 383 -28.02 14.71 -0.51
CA GLN A 383 -28.97 13.60 -0.46
C GLN A 383 -30.41 14.04 -0.68
N ARG A 384 -30.77 15.25 -0.28
CA ARG A 384 -32.13 15.71 -0.53
C ARG A 384 -32.35 15.93 -2.03
N GLU A 385 -31.40 16.59 -2.70
CA GLU A 385 -31.53 16.73 -4.16
C GLU A 385 -31.51 15.37 -4.84
N ASN A 386 -30.64 14.44 -4.37
CA ASN A 386 -30.65 13.09 -4.95
C ASN A 386 -32.01 12.43 -4.78
N ALA A 387 -32.61 12.59 -3.60
CA ALA A 387 -33.93 12.01 -3.34
C ALA A 387 -34.96 12.59 -4.30
N TRP A 388 -34.88 13.90 -4.55
CA TRP A 388 -35.78 14.54 -5.50
C TRP A 388 -35.62 13.97 -6.91
N VAL A 389 -34.38 13.78 -7.36
CA VAL A 389 -34.13 13.17 -8.66
C VAL A 389 -34.75 11.77 -8.72
N VAL A 390 -34.55 10.98 -7.67
CA VAL A 390 -35.13 9.64 -7.59
C VAL A 390 -36.64 9.71 -7.71
N GLU A 391 -37.26 10.61 -6.95
CA GLU A 391 -38.71 10.71 -7.02
C GLU A 391 -39.16 11.18 -8.40
N LYS A 392 -38.46 12.15 -8.98
CA LYS A 392 -38.84 12.63 -10.30
C LYS A 392 -38.68 11.55 -11.38
N ALA A 393 -37.70 10.67 -11.24
CA ALA A 393 -37.50 9.63 -12.23
C ALA A 393 -38.48 8.46 -12.08
N GLY A 394 -39.26 8.43 -10.99
CA GLY A 394 -40.12 7.29 -10.74
C GLY A 394 -39.40 6.10 -10.14
N LEU A 395 -38.19 6.29 -9.64
CA LEU A 395 -37.48 5.21 -8.98
C LEU A 395 -37.86 5.06 -7.51
N GLY A 396 -38.46 6.07 -6.89
CA GLY A 396 -38.76 5.94 -5.49
C GLY A 396 -39.62 7.08 -5.00
N VAL A 397 -39.79 7.12 -3.69
CA VAL A 397 -40.58 8.14 -3.03
C VAL A 397 -39.74 8.72 -1.89
N TRP A 398 -39.82 10.03 -1.73
CA TRP A 398 -39.01 10.73 -0.74
C TRP A 398 -39.92 11.13 0.43
N GLU A 399 -39.60 10.64 1.62
CA GLU A 399 -40.29 10.99 2.86
C GLU A 399 -39.61 12.23 3.44
N ARG A 400 -40.20 13.41 3.22
CA ARG A 400 -39.50 14.65 3.52
C ARG A 400 -39.27 14.85 5.01
N GLU A 401 -40.16 14.36 5.87
CA GLU A 401 -39.98 14.52 7.31
C GLU A 401 -39.90 13.19 8.04
N TRP A 402 -39.08 12.27 7.53
CA TRP A 402 -38.93 10.97 8.16
C TRP A 402 -38.48 11.10 9.61
N ALA A 403 -37.58 12.05 9.89
CA ALA A 403 -37.01 12.19 11.23
C ALA A 403 -38.02 12.62 12.28
N SER A 404 -39.18 13.14 11.87
CA SER A 404 -40.18 13.61 12.82
C SER A 404 -41.17 12.52 13.24
N GLY A 405 -41.08 11.32 12.69
CA GLY A 405 -41.98 10.23 13.05
C GLY A 405 -41.51 8.92 12.44
N ILE A 406 -40.36 8.43 12.91
CA ILE A 406 -39.68 7.32 12.24
C ILE A 406 -40.55 6.07 12.18
N GLN A 407 -41.11 5.67 13.31
CA GLN A 407 -41.85 4.41 13.37
C GLN A 407 -43.07 4.43 12.44
N ALA A 408 -43.84 5.52 12.49
CA ALA A 408 -45.00 5.64 11.60
C ALA A 408 -44.56 5.71 10.15
N ALA A 409 -43.48 6.44 9.87
CA ALA A 409 -43.01 6.57 8.50
C ALA A 409 -42.66 5.19 7.94
N ILE A 410 -42.09 4.33 8.78
CA ILE A 410 -41.69 3.01 8.31
C ILE A 410 -42.91 2.16 8.04
N VAL A 411 -43.83 2.11 9.01
CA VAL A 411 -44.99 1.23 8.90
C VAL A 411 -45.80 1.57 7.66
N GLU A 412 -46.03 2.86 7.42
CA GLU A 412 -46.87 3.23 6.28
C GLU A 412 -46.14 3.06 4.95
N LYS A 413 -44.88 3.50 4.86
CA LYS A 413 -44.27 3.57 3.55
C LYS A 413 -43.58 2.27 3.12
N VAL A 414 -43.18 1.42 4.07
CA VAL A 414 -42.56 0.17 3.65
C VAL A 414 -43.56 -0.69 2.90
N LYS A 415 -44.78 -0.78 3.44
CA LYS A 415 -45.84 -1.50 2.73
C LYS A 415 -46.02 -0.94 1.32
N MET A 416 -45.87 0.36 1.16
CA MET A 416 -46.13 0.97 -0.14
C MET A 416 -45.01 0.67 -1.13
N ILE A 417 -43.76 0.81 -0.74
CA ILE A 417 -42.72 0.52 -1.69
C ILE A 417 -42.66 -0.93 -2.12
N MET A 418 -42.91 -1.81 -1.19
CA MET A 418 -42.86 -3.21 -1.41
C MET A 418 -43.99 -3.74 -2.27
N GLY A 419 -45.08 -3.03 -2.32
CA GLY A 419 -46.19 -3.48 -3.11
C GLY A 419 -46.86 -2.59 -4.10
N ASN A 420 -46.62 -1.28 -4.07
CA ASN A 420 -47.35 -0.41 -4.94
C ASN A 420 -47.05 -0.80 -6.34
N ASN A 421 -48.11 -1.02 -7.07
CA ASN A 421 -47.91 -1.52 -8.41
C ASN A 421 -47.36 -0.45 -9.35
N ASP A 422 -47.83 0.80 -9.22
CA ASP A 422 -47.37 1.86 -10.11
C ASP A 422 -45.90 2.17 -9.88
N LEU A 423 -45.47 2.25 -8.62
CA LEU A 423 -44.07 2.52 -8.34
C LEU A 423 -43.19 1.36 -8.79
N ARG A 424 -43.68 0.12 -8.58
CA ARG A 424 -42.96 -1.06 -9.05
C ARG A 424 -42.73 -1.01 -10.56
N LYS A 425 -43.75 -0.61 -11.32
CA LYS A 425 -43.59 -0.54 -12.78
C LYS A 425 -42.67 0.60 -13.17
N SER A 426 -42.82 1.79 -12.57
CA SER A 426 -41.96 2.89 -12.97
C SER A 426 -40.50 2.61 -12.57
N ALA A 427 -40.29 1.97 -11.42
CA ALA A 427 -38.94 1.63 -11.02
C ALA A 427 -38.34 0.57 -11.93
N MET A 428 -39.15 -0.42 -12.33
CA MET A 428 -38.71 -1.42 -13.30
C MET A 428 -38.29 -0.76 -14.61
N LYS A 429 -39.03 0.24 -15.04
CA LYS A 429 -38.69 0.92 -16.28
C LYS A 429 -37.37 1.68 -16.15
N VAL A 430 -37.10 2.27 -14.98
CA VAL A 430 -35.78 2.85 -14.74
C VAL A 430 -34.70 1.79 -14.88
N GLY A 431 -34.93 0.61 -14.29
CA GLY A 431 -33.94 -0.46 -14.38
C GLY A 431 -33.68 -0.90 -15.81
N GLU A 432 -34.73 -1.00 -16.62
CA GLU A 432 -34.52 -1.38 -18.02
C GLU A 432 -33.68 -0.34 -18.77
N GLU A 433 -33.94 0.95 -18.54
CA GLU A 433 -33.15 1.98 -19.23
C GLU A 433 -31.73 2.07 -18.68
N ALA A 434 -31.56 1.86 -17.37
CA ALA A 434 -30.23 1.88 -16.76
C ALA A 434 -29.37 0.75 -17.31
N LYS A 435 -29.93 -0.45 -17.36
CA LYS A 435 -29.22 -1.59 -17.96
C LYS A 435 -28.89 -1.32 -19.42
N ARG A 436 -29.88 -0.84 -20.19
CA ARG A 436 -29.62 -0.48 -21.58
C ARG A 436 -28.46 0.50 -21.71
N ALA A 437 -28.37 1.47 -20.80
CA ALA A 437 -27.37 2.53 -20.93
C ALA A 437 -25.96 2.01 -20.76
N CYS A 438 -25.74 1.04 -19.87
CA CYS A 438 -24.40 0.51 -19.64
C CYS A 438 -24.11 -0.74 -20.45
N ASP A 439 -25.10 -1.30 -21.14
CA ASP A 439 -24.83 -2.42 -22.03
C ASP A 439 -24.06 -1.95 -23.26
N VAL A 440 -23.51 -2.92 -24.00
CA VAL A 440 -22.91 -2.62 -25.29
C VAL A 440 -23.90 -1.85 -26.14
N GLY A 441 -23.45 -0.73 -26.71
CA GLY A 441 -24.32 0.12 -27.49
C GLY A 441 -25.17 1.09 -26.69
N GLY A 442 -25.14 1.00 -25.36
CA GLY A 442 -25.94 1.90 -24.55
C GLY A 442 -25.44 3.33 -24.63
N SER A 443 -26.29 4.27 -24.24
CA SER A 443 -25.91 5.69 -24.35
C SER A 443 -24.68 6.01 -23.51
N SER A 444 -24.55 5.38 -22.33
CA SER A 444 -23.40 5.67 -21.49
C SER A 444 -22.15 4.94 -21.99
N ALA A 445 -22.30 3.67 -22.39
CA ALA A 445 -21.15 2.95 -22.94
C ALA A 445 -20.67 3.60 -24.23
N THR A 446 -21.59 4.12 -25.05
CA THR A 446 -21.19 4.80 -26.28
C THR A 446 -20.39 6.06 -25.96
N ALA A 447 -20.84 6.83 -24.97
CA ALA A 447 -20.11 8.03 -24.58
C ALA A 447 -18.71 7.70 -24.09
N LEU A 448 -18.58 6.66 -23.27
CA LEU A 448 -17.26 6.31 -22.75
C LEU A 448 -16.36 5.78 -23.86
N MET A 449 -16.93 4.98 -24.78
CA MET A 449 -16.14 4.50 -25.92
C MET A 449 -15.66 5.66 -26.77
N ASN A 450 -16.48 6.70 -26.94
CA ASN A 450 -16.05 7.83 -27.74
C ASN A 450 -14.92 8.59 -27.05
N ILE A 451 -14.95 8.69 -25.71
CA ILE A 451 -13.82 9.31 -25.02
C ILE A 451 -12.55 8.53 -25.26
N ILE A 452 -12.59 7.23 -25.01
CA ILE A 452 -11.40 6.39 -25.21
C ILE A 452 -10.98 6.42 -26.68
N GLY A 453 -11.96 6.38 -27.60
CA GLY A 453 -11.61 6.44 -29.01
C GLY A 453 -10.86 7.71 -29.37
N SER A 454 -11.24 8.83 -28.75
CA SER A 454 -10.55 10.08 -29.03
C SER A 454 -9.11 10.08 -28.50
N LEU A 455 -8.72 9.10 -27.67
CA LEU A 455 -7.32 9.05 -27.25
C LEU A 455 -6.45 8.28 -28.21
N LYS A 456 -7.04 7.46 -29.08
CA LYS A 456 -6.29 6.71 -30.08
C LYS A 456 -6.22 7.49 -31.39
N ASP B 18 25.11 11.75 -22.58
CA ASP B 18 24.15 12.16 -21.56
C ASP B 18 23.98 11.07 -20.49
N GLN B 19 22.85 11.12 -19.73
CA GLN B 19 22.82 10.28 -18.53
C GLN B 19 22.51 8.83 -18.88
N PRO B 20 23.22 7.89 -18.28
CA PRO B 20 22.99 6.47 -18.59
C PRO B 20 21.68 5.97 -17.99
N HIS B 21 21.03 5.08 -18.71
CA HIS B 21 19.86 4.37 -18.21
C HIS B 21 20.33 3.00 -17.75
N VAL B 22 20.18 2.73 -16.46
CA VAL B 22 20.62 1.47 -15.89
C VAL B 22 19.43 0.79 -15.22
N VAL B 23 19.50 -0.53 -15.17
CA VAL B 23 18.45 -1.35 -14.56
C VAL B 23 19.04 -1.97 -13.30
N VAL B 24 18.28 -1.90 -12.21
CA VAL B 24 18.63 -2.58 -10.97
C VAL B 24 17.65 -3.73 -10.87
N CYS B 25 18.17 -4.97 -10.88
CA CYS B 25 17.34 -6.18 -10.93
C CYS B 25 17.30 -6.83 -9.55
N SER B 26 16.22 -6.58 -8.81
CA SER B 26 16.07 -7.16 -7.48
C SER B 26 15.39 -8.52 -7.53
N GLY B 27 15.56 -9.28 -6.46
CA GLY B 27 15.08 -10.64 -6.33
C GLY B 27 13.85 -10.82 -5.45
N ALA B 28 14.05 -11.43 -4.28
CA ALA B 28 12.96 -11.63 -3.33
C ALA B 28 13.49 -11.68 -1.91
N GLY B 29 12.63 -11.29 -0.97
CA GLY B 29 12.97 -11.27 0.45
C GLY B 29 13.50 -9.94 0.92
N MET B 30 13.09 -9.53 2.12
CA MET B 30 13.46 -8.21 2.62
C MET B 30 14.97 -8.02 2.69
N GLY B 31 15.70 -9.06 3.10
CA GLY B 31 17.14 -8.92 3.24
C GLY B 31 17.87 -8.66 1.93
N HIS B 32 17.30 -9.06 0.81
CA HIS B 32 17.93 -8.79 -0.46
C HIS B 32 17.29 -7.61 -1.16
N LEU B 33 16.08 -7.22 -0.75
CA LEU B 33 15.44 -6.03 -1.29
C LEU B 33 16.10 -4.74 -0.83
N THR B 34 16.37 -4.61 0.46
CA THR B 34 16.80 -3.30 0.96
C THR B 34 18.10 -2.82 0.34
N PRO B 35 19.16 -3.64 0.17
CA PRO B 35 20.35 -3.09 -0.49
C PRO B 35 20.13 -2.72 -1.94
N PHE B 36 19.25 -3.45 -2.64
CA PHE B 36 18.94 -3.08 -4.03
C PHE B 36 18.15 -1.78 -4.10
N LEU B 37 17.22 -1.56 -3.17
CA LEU B 37 16.56 -0.26 -3.11
C LEU B 37 17.56 0.84 -2.79
N ASN B 38 18.46 0.60 -1.82
CA ASN B 38 19.49 1.59 -1.52
C ASN B 38 20.32 1.90 -2.77
N LEU B 39 20.67 0.87 -3.54
CA LEU B 39 21.45 1.09 -4.76
C LEU B 39 20.67 1.89 -5.81
N ALA B 40 19.41 1.49 -6.06
CA ALA B 40 18.60 2.21 -7.04
C ALA B 40 18.47 3.69 -6.67
N SER B 41 18.21 3.97 -5.38
CA SER B 41 18.09 5.35 -4.92
C SER B 41 19.40 6.10 -5.13
N ALA B 42 20.52 5.49 -4.76
CA ALA B 42 21.82 6.15 -4.90
C ALA B 42 22.13 6.46 -6.35
N LEU B 43 21.87 5.53 -7.26
CA LEU B 43 22.24 5.75 -8.67
C LEU B 43 21.34 6.78 -9.33
N SER B 44 20.11 6.96 -8.85
CA SER B 44 19.24 7.95 -9.46
C SER B 44 19.52 9.37 -8.99
N SER B 45 20.37 9.55 -7.97
CA SER B 45 20.61 10.86 -7.38
C SER B 45 22.06 11.29 -7.64
N ALA B 46 22.31 12.56 -7.32
CA ALA B 46 23.67 13.06 -7.36
C ALA B 46 24.55 12.20 -6.45
N PRO B 47 25.83 11.99 -6.81
CA PRO B 47 26.47 12.53 -8.00
C PRO B 47 26.35 11.62 -9.23
N TYR B 48 25.62 10.50 -9.12
CA TYR B 48 25.56 9.53 -10.22
C TYR B 48 24.58 9.95 -11.31
N ASN B 49 23.41 10.46 -10.92
CA ASN B 49 22.44 11.04 -11.86
C ASN B 49 22.15 10.11 -13.05
N CYS B 50 21.86 8.84 -12.74
CA CYS B 50 21.42 7.92 -13.76
C CYS B 50 19.90 7.95 -13.87
N LYS B 51 19.40 7.55 -15.04
CA LYS B 51 18.00 7.15 -15.16
C LYS B 51 17.96 5.66 -14.75
N VAL B 52 17.12 5.32 -13.78
CA VAL B 52 17.13 4.01 -13.13
C VAL B 52 15.76 3.38 -13.31
N THR B 53 15.75 2.17 -13.83
CA THR B 53 14.57 1.32 -13.80
C THR B 53 14.83 0.23 -12.79
N LEU B 54 13.92 0.10 -11.84
CA LEU B 54 14.03 -0.90 -10.78
C LEU B 54 13.10 -2.06 -11.12
N LEU B 55 13.68 -3.22 -11.39
CA LEU B 55 12.90 -4.42 -11.70
C LEU B 55 12.49 -5.10 -10.39
N ILE B 56 11.19 -5.40 -10.29
CA ILE B 56 10.58 -6.07 -9.14
C ILE B 56 10.05 -7.40 -9.62
N VAL B 57 10.41 -8.49 -8.92
CA VAL B 57 9.81 -9.79 -9.24
C VAL B 57 8.46 -9.90 -8.54
N ILE B 58 7.41 -10.19 -9.31
CA ILE B 58 6.08 -10.36 -8.73
C ILE B 58 5.57 -11.77 -9.05
N PRO B 59 4.65 -12.35 -8.26
CA PRO B 59 4.16 -11.77 -7.01
C PRO B 59 5.21 -11.70 -5.92
N LEU B 60 5.02 -10.77 -5.00
CA LEU B 60 5.85 -10.69 -3.81
C LEU B 60 5.42 -11.77 -2.83
N ILE B 61 6.34 -12.18 -1.98
CA ILE B 61 6.09 -13.30 -1.08
C ILE B 61 5.40 -12.84 0.21
N THR B 62 5.81 -11.70 0.75
CA THR B 62 5.33 -11.21 2.03
C THR B 62 4.66 -9.86 1.87
N ASP B 63 3.73 -9.55 2.78
CA ASP B 63 3.11 -8.23 2.78
C ASP B 63 4.12 -7.14 3.09
N ALA B 64 5.09 -7.44 3.98
CA ALA B 64 6.12 -6.48 4.33
C ALA B 64 6.85 -5.99 3.08
N GLU B 65 7.21 -6.92 2.19
CA GLU B 65 7.85 -6.56 0.93
C GLU B 65 6.99 -5.58 0.15
N SER B 66 5.68 -5.86 0.06
CA SER B 66 4.79 -5.01 -0.72
C SER B 66 4.79 -3.58 -0.19
N HIS B 67 4.74 -3.42 1.13
CA HIS B 67 4.65 -2.08 1.69
C HIS B 67 5.93 -1.29 1.50
N HIS B 68 7.09 -1.93 1.71
CA HIS B 68 8.36 -1.22 1.53
C HIS B 68 8.51 -0.80 0.08
N ILE B 69 8.14 -1.67 -0.86
CA ILE B 69 8.29 -1.34 -2.27
C ILE B 69 7.39 -0.19 -2.64
N SER B 70 6.13 -0.22 -2.17
CA SER B 70 5.22 0.89 -2.40
C SER B 70 5.78 2.20 -1.83
N SER B 71 6.21 2.17 -0.57
CA SER B 71 6.78 3.36 0.03
C SER B 71 8.01 3.83 -0.72
N PHE B 72 8.82 2.90 -1.23
CA PHE B 72 10.02 3.29 -1.96
C PHE B 72 9.66 4.11 -3.20
N PHE B 73 8.79 3.57 -4.05
CA PHE B 73 8.41 4.27 -5.27
C PHE B 73 7.65 5.55 -4.96
N SER B 74 6.94 5.60 -3.82
CA SER B 74 6.22 6.81 -3.45
C SER B 74 7.18 7.94 -3.09
N SER B 75 8.35 7.62 -2.56
CA SER B 75 9.32 8.65 -2.22
C SER B 75 10.45 8.76 -3.24
N HIS B 76 10.47 7.90 -4.26
CA HIS B 76 11.44 8.00 -5.34
C HIS B 76 10.68 7.98 -6.66
N PRO B 77 9.88 9.02 -6.93
CA PRO B 77 9.01 8.97 -8.11
C PRO B 77 9.76 8.94 -9.42
N THR B 78 11.00 9.42 -9.48
CA THR B 78 11.70 9.43 -10.77
C THR B 78 12.31 8.09 -11.13
N ILE B 79 12.21 7.08 -10.26
CA ILE B 79 12.70 5.75 -10.57
C ILE B 79 11.53 4.96 -11.15
N HIS B 80 11.75 4.34 -12.30
CA HIS B 80 10.68 3.64 -12.99
C HIS B 80 10.58 2.21 -12.51
N ARG B 81 9.35 1.74 -12.37
CA ARG B 81 9.10 0.38 -11.89
C ARG B 81 8.89 -0.54 -13.07
N LEU B 82 9.62 -1.64 -13.10
CA LEU B 82 9.41 -2.69 -14.10
C LEU B 82 9.04 -3.98 -13.37
N ASP B 83 7.80 -4.43 -13.51
CA ASP B 83 7.39 -5.69 -12.91
C ASP B 83 7.79 -6.85 -13.82
N PHE B 84 8.40 -7.87 -13.23
CA PHE B 84 8.81 -9.09 -13.91
C PHE B 84 8.02 -10.24 -13.29
N HIS B 85 7.01 -10.76 -14.00
CA HIS B 85 6.16 -11.79 -13.41
C HIS B 85 6.81 -13.16 -13.50
N VAL B 86 6.94 -13.82 -12.35
CA VAL B 86 7.41 -15.20 -12.26
C VAL B 86 6.40 -15.99 -11.45
N ASN B 87 5.80 -17.00 -12.08
CA ASN B 87 4.80 -17.85 -11.42
C ASN B 87 5.33 -18.38 -10.09
N LEU B 88 4.48 -18.31 -9.07
CA LEU B 88 4.82 -18.86 -7.77
C LEU B 88 4.89 -20.38 -7.86
N PRO B 89 5.96 -21.01 -7.40
CA PRO B 89 6.01 -22.47 -7.42
C PRO B 89 5.12 -23.04 -6.33
N ALA B 90 4.63 -24.25 -6.56
CA ALA B 90 3.79 -24.91 -5.55
C ALA B 90 4.64 -25.24 -4.31
N PRO B 91 4.10 -25.01 -3.11
CA PRO B 91 4.83 -25.43 -1.89
C PRO B 91 5.11 -26.92 -1.91
N LYS B 92 6.21 -27.29 -1.24
CA LYS B 92 6.57 -28.69 -1.14
C LYS B 92 7.01 -28.99 0.29
N PRO B 93 6.62 -30.14 0.82
CA PRO B 93 7.01 -30.46 2.20
C PRO B 93 8.52 -30.52 2.35
N ASN B 94 9.00 -29.96 3.45
CA ASN B 94 10.41 -29.96 3.84
C ASN B 94 11.29 -29.17 2.87
N VAL B 95 10.70 -28.25 2.11
CA VAL B 95 11.46 -27.33 1.27
C VAL B 95 11.12 -25.91 1.69
N ASP B 96 12.13 -25.13 2.00
CA ASP B 96 11.91 -23.77 2.47
C ASP B 96 11.21 -22.95 1.39
N PRO B 97 10.10 -22.29 1.73
CA PRO B 97 9.35 -21.54 0.69
C PRO B 97 10.17 -20.46 0.02
N PHE B 98 11.04 -19.77 0.76
CA PHE B 98 11.87 -18.74 0.14
C PHE B 98 12.88 -19.34 -0.83
N PHE B 99 13.48 -20.48 -0.48
CA PHE B 99 14.39 -21.16 -1.40
C PHE B 99 13.67 -21.56 -2.68
N LEU B 100 12.46 -22.10 -2.54
CA LEU B 100 11.64 -22.43 -3.70
C LEU B 100 11.39 -21.20 -4.56
N ARG B 101 11.14 -20.04 -3.94
CA ARG B 101 10.96 -18.81 -4.71
C ARG B 101 12.26 -18.41 -5.40
N TYR B 102 13.39 -18.45 -4.68
CA TYR B 102 14.67 -18.12 -5.30
C TYR B 102 14.93 -19.00 -6.52
N LYS B 103 14.63 -20.30 -6.41
CA LYS B 103 14.83 -21.19 -7.55
C LYS B 103 14.00 -20.76 -8.75
N SER B 104 12.72 -20.43 -8.54
CA SER B 104 11.85 -20.03 -9.64
C SER B 104 12.36 -18.75 -10.31
N ILE B 105 12.96 -17.84 -9.54
CA ILE B 105 13.53 -16.62 -10.10
C ILE B 105 14.79 -16.94 -10.91
N SER B 106 15.71 -17.72 -10.33
CA SER B 106 16.88 -18.18 -11.07
C SER B 106 16.48 -18.86 -12.38
N ASP B 107 15.48 -19.76 -12.33
CA ASP B 107 15.04 -20.48 -13.52
C ASP B 107 14.40 -19.58 -14.57
N SER B 108 13.93 -18.40 -14.18
CA SER B 108 13.25 -17.49 -15.09
C SER B 108 14.19 -16.45 -15.71
N ALA B 109 15.42 -16.34 -15.20
CA ALA B 109 16.31 -15.25 -15.59
C ALA B 109 16.54 -15.20 -17.10
N HIS B 110 16.55 -16.35 -17.77
CA HIS B 110 16.79 -16.35 -19.21
C HIS B 110 15.72 -15.59 -19.97
N ARG B 111 14.58 -15.28 -19.35
CA ARG B 111 13.52 -14.55 -20.03
C ARG B 111 13.71 -13.04 -19.99
N LEU B 112 14.68 -12.53 -19.22
CA LEU B 112 14.85 -11.09 -19.11
C LEU B 112 15.19 -10.36 -20.41
N PRO B 113 15.85 -10.97 -21.42
CA PRO B 113 16.19 -10.19 -22.63
C PRO B 113 15.05 -9.40 -23.24
N VAL B 114 13.89 -10.02 -23.49
CA VAL B 114 12.83 -9.30 -24.15
C VAL B 114 12.37 -8.12 -23.29
N HIS B 115 12.39 -8.28 -21.97
CA HIS B 115 11.91 -7.18 -21.11
C HIS B 115 12.92 -6.04 -21.02
N LEU B 116 14.22 -6.34 -20.88
CA LEU B 116 15.18 -5.25 -20.74
C LEU B 116 15.46 -4.58 -22.06
N SER B 117 15.23 -5.29 -23.17
CA SER B 117 15.44 -4.70 -24.49
C SER B 117 14.34 -3.70 -24.83
N ALA B 118 13.14 -3.90 -24.28
CA ALA B 118 12.04 -2.97 -24.54
C ALA B 118 12.20 -1.63 -23.84
N LEU B 119 13.15 -1.51 -22.92
CA LEU B 119 13.29 -0.28 -22.14
C LEU B 119 13.92 0.80 -22.99
N SER B 120 13.44 2.03 -22.82
CA SER B 120 14.00 3.16 -23.54
C SER B 120 14.34 4.26 -22.55
N PRO B 121 15.45 4.98 -22.75
CA PRO B 121 16.41 4.74 -23.85
C PRO B 121 17.16 3.43 -23.64
N PRO B 122 17.84 2.94 -24.66
CA PRO B 122 18.56 1.66 -24.51
C PRO B 122 19.47 1.68 -23.29
N ILE B 123 19.33 0.66 -22.45
CA ILE B 123 20.02 0.66 -21.17
C ILE B 123 21.52 0.47 -21.37
N SER B 124 22.30 1.05 -20.46
CA SER B 124 23.76 0.97 -20.48
C SER B 124 24.34 -0.11 -19.58
N ALA B 125 23.61 -0.55 -18.55
CA ALA B 125 24.15 -1.56 -17.64
C ALA B 125 23.00 -2.12 -16.82
N VAL B 126 23.26 -3.30 -16.25
CA VAL B 126 22.36 -3.94 -15.31
C VAL B 126 23.15 -4.25 -14.03
N PHE B 127 22.48 -4.00 -12.89
CA PHE B 127 22.99 -4.32 -11.57
C PHE B 127 22.01 -5.34 -10.97
N SER B 128 22.46 -6.57 -10.78
CA SER B 128 21.53 -7.68 -10.65
C SER B 128 21.79 -8.54 -9.43
N ASP B 129 20.70 -9.12 -8.91
CA ASP B 129 20.79 -10.14 -7.87
C ASP B 129 21.55 -11.34 -8.43
N PHE B 130 22.22 -12.08 -7.55
CA PHE B 130 23.00 -13.17 -8.09
C PHE B 130 22.13 -14.28 -8.67
N LEU B 131 20.83 -14.32 -8.34
CA LEU B 131 19.91 -15.29 -8.95
C LEU B 131 19.77 -15.09 -10.46
N PHE B 132 20.05 -13.89 -10.97
CA PHE B 132 19.90 -13.63 -12.40
C PHE B 132 21.17 -13.88 -13.19
N THR B 133 22.24 -14.32 -12.52
CA THR B 133 23.57 -14.26 -13.13
C THR B 133 23.65 -15.11 -14.40
N GLN B 134 23.26 -16.39 -14.31
CA GLN B 134 23.36 -17.28 -15.46
C GLN B 134 22.50 -16.77 -16.63
N GLY B 135 21.24 -16.41 -16.35
CA GLY B 135 20.37 -15.96 -17.42
C GLY B 135 20.86 -14.70 -18.10
N LEU B 136 21.33 -13.72 -17.32
CA LEU B 136 21.78 -12.46 -17.90
C LEU B 136 23.08 -12.64 -18.69
N ASN B 137 24.03 -13.40 -18.14
CA ASN B 137 25.34 -13.49 -18.74
C ASN B 137 25.42 -14.43 -19.94
N THR B 138 24.42 -15.30 -20.16
CA THR B 138 24.36 -16.10 -21.38
C THR B 138 23.52 -15.44 -22.46
N THR B 139 22.35 -14.92 -22.09
CA THR B 139 21.40 -14.42 -23.06
C THR B 139 21.62 -12.96 -23.41
N LEU B 140 22.31 -12.20 -22.57
CA LEU B 140 22.66 -10.80 -22.85
C LEU B 140 24.16 -10.59 -22.68
N PRO B 141 24.98 -11.32 -23.44
CA PRO B 141 26.43 -11.28 -23.19
C PRO B 141 27.09 -9.93 -23.49
N HIS B 142 26.46 -9.07 -24.28
CA HIS B 142 27.07 -7.78 -24.62
C HIS B 142 26.68 -6.66 -23.67
N LEU B 143 25.78 -6.92 -22.73
CA LEU B 143 25.35 -5.91 -21.77
C LEU B 143 26.17 -6.04 -20.49
N PRO B 144 26.88 -5.00 -20.06
CA PRO B 144 27.61 -5.09 -18.78
C PRO B 144 26.67 -5.41 -17.64
N ASN B 145 26.94 -6.54 -16.97
CA ASN B 145 26.16 -7.01 -15.83
C ASN B 145 27.05 -6.97 -14.60
N TYR B 146 26.66 -6.16 -13.62
CA TYR B 146 27.32 -6.12 -12.32
C TYR B 146 26.50 -6.94 -11.36
N THR B 147 27.07 -8.05 -10.89
CA THR B 147 26.40 -8.87 -9.89
C THR B 147 26.56 -8.21 -8.51
N PHE B 148 25.45 -7.84 -7.88
CA PHE B 148 25.48 -7.14 -6.58
C PHE B 148 25.13 -8.18 -5.52
N THR B 149 26.13 -8.64 -4.77
CA THR B 149 25.86 -9.56 -3.67
C THR B 149 25.43 -8.79 -2.42
N THR B 150 24.59 -9.43 -1.59
CA THR B 150 24.05 -8.74 -0.42
C THR B 150 24.75 -9.14 0.87
N THR B 151 25.76 -9.97 0.81
CA THR B 151 26.45 -10.44 2.00
C THR B 151 27.85 -9.81 2.06
N SER B 152 28.65 -10.26 3.03
CA SER B 152 30.02 -9.78 3.16
C SER B 152 30.88 -10.32 2.02
N ALA B 153 31.98 -9.60 1.73
CA ALA B 153 32.95 -10.14 0.77
C ALA B 153 33.43 -11.51 1.23
N ARG B 154 33.60 -11.67 2.54
CA ARG B 154 34.05 -12.95 3.09
C ARG B 154 33.10 -14.08 2.75
N PHE B 155 31.81 -13.91 3.04
CA PHE B 155 30.88 -15.01 2.75
C PHE B 155 30.64 -15.17 1.26
N PHE B 156 30.69 -14.07 0.50
CA PHE B 156 30.54 -14.20 -0.94
C PHE B 156 31.62 -15.10 -1.53
N THR B 157 32.86 -14.98 -1.07
CA THR B 157 33.89 -15.86 -1.61
C THR B 157 33.58 -17.32 -1.33
N LEU B 158 33.05 -17.61 -0.13
CA LEU B 158 32.63 -18.99 0.15
C LEU B 158 31.52 -19.43 -0.83
N MET B 159 30.52 -18.58 -1.05
CA MET B 159 29.45 -18.91 -1.99
C MET B 159 29.99 -19.13 -3.40
N SER B 160 30.95 -18.30 -3.83
CA SER B 160 31.52 -18.47 -5.16
C SER B 160 32.32 -19.77 -5.26
N TYR B 161 32.72 -20.33 -4.13
CA TYR B 161 33.50 -21.55 -4.08
C TYR B 161 32.64 -22.81 -4.01
N VAL B 162 31.34 -22.66 -3.80
CA VAL B 162 30.43 -23.80 -3.64
C VAL B 162 30.55 -24.81 -4.79
N PRO B 163 30.74 -24.41 -6.05
CA PRO B 163 30.90 -25.42 -7.10
C PRO B 163 32.10 -26.32 -6.91
N HIS B 164 33.05 -25.95 -6.05
CA HIS B 164 34.29 -26.69 -5.88
C HIS B 164 34.27 -27.55 -4.63
N LEU B 165 33.16 -27.64 -3.94
CA LEU B 165 33.09 -28.40 -2.71
C LEU B 165 32.96 -29.89 -3.00
N ALA B 166 33.53 -30.71 -2.12
CA ALA B 166 33.48 -32.16 -2.26
C ALA B 166 32.58 -32.78 -1.20
N SER B 170 32.53 -33.26 2.33
CA SER B 170 33.65 -33.23 3.27
C SER B 170 33.20 -32.69 4.64
N SER B 171 33.99 -32.99 5.68
CA SER B 171 33.73 -32.47 7.02
C SER B 171 34.88 -31.64 7.55
N SER B 172 35.89 -31.37 6.74
CA SER B 172 36.99 -30.52 7.15
C SER B 172 36.70 -29.06 6.81
N PRO B 173 37.34 -28.12 7.51
CA PRO B 173 37.25 -26.72 7.11
C PRO B 173 37.59 -26.54 5.64
N VAL B 174 36.89 -25.61 5.00
CA VAL B 174 37.15 -25.28 3.61
C VAL B 174 38.30 -24.28 3.54
N GLU B 175 39.33 -24.61 2.77
CA GLU B 175 40.51 -23.76 2.62
C GLU B 175 40.54 -23.22 1.19
N ILE B 176 40.05 -22.00 1.02
CA ILE B 176 40.19 -21.27 -0.24
C ILE B 176 41.57 -20.62 -0.26
N PRO B 177 42.38 -20.83 -1.31
CA PRO B 177 43.75 -20.31 -1.30
C PRO B 177 43.78 -18.79 -1.10
N GLY B 178 44.72 -18.35 -0.26
CA GLY B 178 44.86 -16.93 0.00
C GLY B 178 43.96 -16.39 1.08
N LEU B 179 43.00 -17.18 1.57
CA LEU B 179 42.07 -16.74 2.61
C LEU B 179 42.15 -17.65 3.83
N GLU B 180 41.92 -17.06 4.99
CA GLU B 180 41.79 -17.85 6.22
C GLU B 180 40.74 -18.93 6.03
N PRO B 181 40.97 -20.14 6.54
CA PRO B 181 40.00 -21.23 6.31
C PRO B 181 38.64 -20.92 6.91
N PHE B 182 37.60 -21.55 6.34
CA PHE B 182 36.23 -21.47 6.84
C PHE B 182 35.96 -22.69 7.70
N PRO B 183 35.77 -22.55 9.01
CA PRO B 183 35.46 -23.73 9.83
C PRO B 183 34.09 -24.30 9.46
N THR B 184 33.97 -25.62 9.68
CA THR B 184 32.75 -26.34 9.32
C THR B 184 31.51 -25.71 9.93
N ASP B 185 31.60 -25.31 11.20
CA ASP B 185 30.46 -24.76 11.91
C ASP B 185 29.98 -23.44 11.34
N ASN B 186 30.77 -22.79 10.49
CA ASN B 186 30.38 -21.53 9.87
C ASN B 186 29.78 -21.71 8.49
N ILE B 187 29.74 -22.93 7.97
CA ILE B 187 29.30 -23.23 6.60
C ILE B 187 27.92 -23.86 6.66
N PRO B 188 26.91 -23.31 5.97
CA PRO B 188 25.61 -23.98 5.90
C PRO B 188 25.77 -25.39 5.37
N PRO B 189 25.29 -26.39 6.10
CA PRO B 189 25.49 -27.79 5.69
C PRO B 189 25.00 -28.06 4.27
N PRO B 190 23.91 -27.42 3.79
CA PRO B 190 23.48 -27.70 2.42
C PRO B 190 24.54 -27.45 1.35
N PHE B 191 25.55 -26.62 1.63
CA PHE B 191 26.58 -26.30 0.64
C PHE B 191 27.36 -27.52 0.20
N PHE B 192 27.41 -28.57 1.02
CA PHE B 192 28.12 -29.79 0.66
C PHE B 192 27.24 -30.76 -0.10
N ASN B 193 25.99 -30.40 -0.38
CA ASN B 193 25.06 -31.28 -1.09
C ASN B 193 24.64 -30.62 -2.40
N PRO B 194 25.24 -31.00 -3.53
CA PRO B 194 24.94 -30.30 -4.80
C PRO B 194 23.49 -30.43 -5.22
N GLU B 195 22.76 -31.39 -4.68
CA GLU B 195 21.37 -31.56 -5.04
C GLU B 195 20.41 -30.76 -4.16
N HIS B 196 20.90 -30.16 -3.08
CA HIS B 196 20.06 -29.27 -2.28
C HIS B 196 19.58 -28.09 -3.12
N ILE B 197 18.34 -27.65 -2.88
CA ILE B 197 17.74 -26.64 -3.76
C ILE B 197 18.56 -25.34 -3.72
N PHE B 198 18.98 -24.90 -2.53
CA PHE B 198 19.78 -23.67 -2.48
C PHE B 198 21.13 -23.86 -3.19
N THR B 199 21.80 -24.97 -2.89
CA THR B 199 23.09 -25.23 -3.53
C THR B 199 22.94 -25.30 -5.05
N SER B 200 21.81 -25.82 -5.54
CA SER B 200 21.66 -26.01 -6.98
C SER B 200 21.68 -24.67 -7.72
N PHE B 201 20.86 -23.71 -7.29
CA PHE B 201 20.93 -22.43 -8.02
C PHE B 201 22.13 -21.59 -7.62
N THR B 202 22.77 -21.88 -6.48
CA THR B 202 24.04 -21.22 -6.19
C THR B 202 25.10 -21.67 -7.19
N ILE B 203 25.18 -22.97 -7.46
CA ILE B 203 26.16 -23.48 -8.41
C ILE B 203 25.86 -22.95 -9.81
N SER B 204 24.58 -22.97 -10.21
CA SER B 204 24.22 -22.56 -11.57
C SER B 204 24.60 -21.11 -11.82
N ASN B 205 24.43 -20.26 -10.83
CA ASN B 205 24.74 -18.85 -11.04
C ASN B 205 26.21 -18.53 -10.78
N ALA B 206 26.84 -19.18 -9.78
CA ALA B 206 28.26 -18.94 -9.54
C ALA B 206 29.11 -19.35 -10.73
N LYS B 207 28.69 -20.39 -11.46
CA LYS B 207 29.42 -20.81 -12.65
C LYS B 207 29.48 -19.71 -13.71
N TYR B 208 28.66 -18.67 -13.59
CA TYR B 208 28.65 -17.58 -14.55
C TYR B 208 29.17 -16.25 -13.99
N PHE B 209 29.66 -16.22 -12.73
CA PHE B 209 30.24 -14.98 -12.19
C PHE B 209 31.36 -14.44 -13.08
N SER B 210 32.15 -15.32 -13.71
CA SER B 210 33.30 -14.84 -14.46
C SER B 210 32.91 -13.95 -15.64
N LEU B 211 31.68 -14.06 -16.12
CA LEU B 211 31.19 -13.23 -17.22
C LEU B 211 30.61 -11.90 -16.77
N SER B 212 30.37 -11.71 -15.48
CA SER B 212 29.90 -10.41 -15.01
C SER B 212 31.03 -9.38 -15.11
N LYS B 213 30.66 -8.11 -15.33
CA LYS B 213 31.68 -7.05 -15.41
C LYS B 213 32.41 -6.88 -14.09
N GLY B 214 31.71 -7.13 -12.98
CA GLY B 214 32.33 -7.07 -11.67
C GLY B 214 31.33 -7.60 -10.66
N ILE B 215 31.83 -7.89 -9.47
CA ILE B 215 30.95 -8.23 -8.34
C ILE B 215 30.92 -7.01 -7.43
N LEU B 216 29.74 -6.44 -7.20
CA LEU B 216 29.62 -5.33 -6.28
C LEU B 216 29.27 -5.86 -4.89
N VAL B 217 29.90 -5.28 -3.86
CA VAL B 217 29.69 -5.69 -2.48
C VAL B 217 29.39 -4.47 -1.63
N ASN B 218 28.41 -4.61 -0.74
CA ASN B 218 28.04 -3.59 0.22
C ASN B 218 29.00 -3.69 1.41
N THR B 219 30.23 -3.25 1.15
CA THR B 219 31.30 -3.26 2.14
C THR B 219 32.27 -2.14 1.75
N PHE B 220 33.33 -1.97 2.52
CA PHE B 220 34.33 -0.98 2.12
C PHE B 220 35.72 -1.58 2.37
N ASP B 221 36.71 -0.97 1.70
CA ASP B 221 38.04 -1.57 1.65
C ASP B 221 38.62 -1.81 3.05
N SER B 222 38.55 -0.81 3.92
CA SER B 222 39.17 -0.99 5.23
C SER B 222 38.33 -1.84 6.18
N PHE B 223 37.15 -2.30 5.74
CA PHE B 223 36.36 -3.22 6.54
C PHE B 223 36.77 -4.67 6.32
N GLU B 224 37.11 -5.05 5.09
CA GLU B 224 37.52 -6.41 4.76
C GLU B 224 38.79 -6.43 3.91
N PRO B 225 39.88 -5.80 4.40
CA PRO B 225 41.05 -5.63 3.54
C PRO B 225 41.78 -6.92 3.22
N GLU B 226 41.83 -7.89 4.14
CA GLU B 226 42.51 -9.14 3.80
C GLU B 226 41.76 -9.90 2.71
N THR B 227 40.43 -10.00 2.83
CA THR B 227 39.63 -10.70 1.81
C THR B 227 39.70 -10.01 0.46
N LEU B 228 39.51 -8.69 0.45
CA LEU B 228 39.49 -7.94 -0.81
C LEU B 228 40.86 -7.91 -1.49
N SER B 229 41.95 -7.78 -0.73
CA SER B 229 43.26 -7.77 -1.38
C SER B 229 43.60 -9.14 -1.96
N ALA B 230 43.24 -10.22 -1.26
CA ALA B 230 43.45 -11.56 -1.80
C ALA B 230 42.66 -11.75 -3.09
N LEU B 231 41.39 -11.33 -3.08
CA LEU B 231 40.55 -11.48 -4.26
C LEU B 231 41.16 -10.76 -5.45
N ASN B 232 41.56 -9.51 -5.25
CA ASN B 232 41.88 -8.73 -6.43
C ASN B 232 43.37 -8.77 -6.78
N SER B 233 44.19 -9.42 -5.96
CA SER B 233 45.55 -9.73 -6.35
C SER B 233 45.65 -11.02 -7.17
N GLY B 234 44.60 -11.81 -7.26
CA GLY B 234 44.69 -13.12 -7.90
C GLY B 234 45.04 -14.26 -6.97
N ASP B 235 45.15 -14.02 -5.65
CA ASP B 235 45.58 -15.06 -4.70
C ASP B 235 44.57 -16.20 -4.60
N THR B 236 43.28 -15.89 -4.70
CA THR B 236 42.31 -16.98 -4.53
C THR B 236 42.25 -17.90 -5.74
N LEU B 237 43.03 -17.60 -6.78
CA LEU B 237 43.08 -18.41 -7.99
C LEU B 237 41.68 -18.60 -8.55
N SER B 238 40.93 -17.51 -8.58
CA SER B 238 39.54 -17.50 -9.01
C SER B 238 39.43 -16.89 -10.40
N ASP B 239 38.38 -17.28 -11.10
CA ASP B 239 38.04 -16.63 -12.35
C ASP B 239 36.99 -15.54 -12.13
N LEU B 240 36.83 -15.10 -10.88
CA LEU B 240 35.94 -14.00 -10.59
C LEU B 240 36.39 -12.74 -11.33
N PRO B 241 35.45 -11.89 -11.72
CA PRO B 241 35.81 -10.56 -12.21
C PRO B 241 36.21 -9.67 -11.02
N PRO B 242 36.55 -8.41 -11.24
CA PRO B 242 36.93 -7.56 -10.10
C PRO B 242 35.80 -7.50 -9.07
N VAL B 243 36.18 -7.54 -7.79
CA VAL B 243 35.23 -7.48 -6.68
C VAL B 243 35.31 -6.09 -6.11
N ILE B 244 34.22 -5.34 -6.21
CA ILE B 244 34.27 -3.89 -6.04
C ILE B 244 33.40 -3.48 -4.85
N PRO B 245 33.99 -3.03 -3.76
CA PRO B 245 33.18 -2.53 -2.63
C PRO B 245 32.56 -1.18 -2.99
N ILE B 246 31.26 -1.05 -2.72
CA ILE B 246 30.56 0.22 -3.00
C ILE B 246 29.79 0.71 -1.78
N GLY B 247 30.07 0.14 -0.61
CA GLY B 247 29.33 0.49 0.59
C GLY B 247 30.14 1.34 1.58
N PRO B 248 29.50 1.83 2.66
CA PRO B 248 28.06 1.64 2.91
C PRO B 248 27.25 2.51 2.02
N LEU B 249 26.14 1.97 1.52
CA LEU B 249 25.22 2.74 0.70
C LEU B 249 24.38 3.63 1.60
N ASN B 250 24.18 4.87 1.17
CA ASN B 250 23.32 5.78 1.92
C ASN B 250 21.94 5.16 2.10
N GLU B 251 21.48 5.15 3.35
CA GLU B 251 20.20 4.54 3.66
C GLU B 251 19.07 5.47 3.23
N LEU B 252 17.90 4.92 3.04
CA LEU B 252 16.76 5.69 2.64
C LEU B 252 16.16 6.63 3.68
N GLU B 253 15.64 7.74 3.19
CA GLU B 253 14.97 8.70 4.01
C GLU B 253 13.59 8.14 4.22
N HIS B 254 13.08 8.23 5.43
CA HIS B 254 11.70 7.84 5.66
C HIS B 254 10.93 9.05 6.06
N ASN B 255 9.66 9.00 5.70
CA ASN B 255 8.68 10.03 5.97
C ASN B 255 8.37 10.31 7.42
N LYS B 256 8.03 9.28 8.17
CA LYS B 256 7.65 9.42 9.56
C LYS B 256 8.85 9.67 10.42
N GLN B 257 8.73 10.37 11.54
CA GLN B 257 9.90 10.34 12.42
C GLN B 257 9.89 9.02 13.20
N GLU B 258 11.06 8.53 13.60
CA GLU B 258 11.08 7.39 14.52
C GLU B 258 10.44 7.83 15.84
N GLU B 259 9.43 7.09 16.31
CA GLU B 259 8.66 7.49 17.48
C GLU B 259 9.47 7.48 18.77
N LEU B 260 10.53 6.68 18.83
CA LEU B 260 11.33 6.55 20.04
C LEU B 260 12.40 7.63 20.19
N LEU B 261 12.51 8.55 19.21
CA LEU B 261 13.55 9.57 19.31
C LEU B 261 13.38 10.47 20.53
N PRO B 262 12.18 10.97 20.87
CA PRO B 262 12.08 11.78 22.08
C PRO B 262 12.48 11.03 23.33
N TRP B 263 12.17 9.73 23.41
CA TRP B 263 12.59 8.94 24.55
C TRP B 263 14.11 8.79 24.57
N LEU B 264 14.71 8.49 23.41
CA LEU B 264 16.16 8.42 23.33
C LEU B 264 16.81 9.75 23.71
N ASP B 265 16.18 10.87 23.31
CA ASP B 265 16.68 12.19 23.70
C ASP B 265 16.77 12.35 25.20
N GLN B 266 15.99 11.59 25.97
CA GLN B 266 16.01 11.67 27.43
C GLN B 266 17.00 10.69 28.05
N GLN B 267 17.65 9.87 27.29
CA GLN B 267 18.54 8.90 27.91
C GLN B 267 19.98 9.42 27.86
N PRO B 268 20.82 9.04 28.83
CA PRO B 268 22.22 9.46 28.78
C PRO B 268 22.91 8.95 27.53
N GLU B 269 23.97 9.67 27.13
CA GLU B 269 24.73 9.31 25.95
C GLU B 269 25.27 7.89 26.07
N LYS B 270 25.14 7.14 24.98
CA LYS B 270 25.70 5.79 24.85
C LYS B 270 25.25 4.87 25.98
N SER B 271 24.01 5.05 26.44
CA SER B 271 23.48 4.23 27.52
C SER B 271 22.46 3.18 27.09
N VAL B 272 22.05 3.16 25.82
CA VAL B 272 20.94 2.30 25.38
C VAL B 272 21.49 1.17 24.51
N LEU B 273 21.16 -0.07 24.88
CA LEU B 273 21.42 -1.24 24.05
C LEU B 273 20.27 -1.42 23.06
N TYR B 274 20.56 -1.38 21.75
CA TYR B 274 19.55 -1.70 20.74
C TYR B 274 19.64 -3.18 20.40
N VAL B 275 18.48 -3.86 20.36
CA VAL B 275 18.41 -5.30 20.19
C VAL B 275 17.48 -5.61 19.02
N SER B 276 18.02 -6.20 17.96
CA SER B 276 17.17 -6.60 16.84
C SER B 276 17.82 -7.74 16.08
N PHE B 277 17.01 -8.70 15.68
CA PHE B 277 17.50 -9.88 14.99
C PHE B 277 17.01 -9.93 13.54
N GLY B 278 16.91 -8.78 12.90
CA GLY B 278 16.60 -8.76 11.47
C GLY B 278 15.12 -8.87 11.17
N ASN B 279 14.82 -9.01 9.89
CA ASN B 279 13.49 -8.97 9.36
C ASN B 279 12.65 -10.08 9.91
N ARG B 280 13.26 -11.20 10.18
CA ARG B 280 12.59 -12.40 10.69
C ARG B 280 13.34 -12.96 11.91
N THR B 281 12.80 -12.85 13.11
CA THR B 281 13.66 -13.15 14.27
C THR B 281 14.30 -14.58 14.37
N ALA B 282 13.59 -15.68 14.17
CA ALA B 282 14.23 -17.00 14.14
C ALA B 282 14.66 -17.68 15.49
N MET B 283 14.50 -16.97 16.58
CA MET B 283 14.76 -17.48 17.89
C MET B 283 13.41 -17.93 18.47
N SER B 284 13.28 -18.93 19.26
CA SER B 284 11.93 -19.51 19.61
C SER B 284 11.59 -18.81 20.86
N SER B 285 10.43 -19.15 21.35
CA SER B 285 9.86 -18.47 22.43
C SER B 285 10.68 -18.62 23.69
N ASP B 286 11.21 -19.78 23.92
CA ASP B 286 12.06 -20.02 25.04
C ASP B 286 13.33 -19.21 24.97
N GLN B 287 13.92 -19.05 23.80
CA GLN B 287 15.10 -18.20 23.69
C GLN B 287 14.75 -16.73 23.92
N ILE B 288 13.59 -16.29 23.42
CA ILE B 288 13.19 -14.90 23.65
C ILE B 288 12.93 -14.68 25.14
N LEU B 289 12.32 -15.64 25.80
CA LEU B 289 12.09 -15.52 27.23
C LEU B 289 13.41 -15.42 28.00
N GLU B 290 14.39 -16.26 27.67
CA GLU B 290 15.67 -16.19 28.38
C GLU B 290 16.38 -14.86 28.12
N LEU B 291 16.30 -14.36 26.89
CA LEU B 291 16.87 -13.04 26.61
C LEU B 291 16.21 -11.99 27.49
N GLY B 292 14.88 -12.03 27.58
CA GLY B 292 14.19 -11.08 28.43
C GLY B 292 14.63 -11.19 29.89
N MET B 293 14.77 -12.41 30.37
CA MET B 293 15.20 -12.66 31.75
C MET B 293 16.59 -12.08 31.96
N GLY B 294 17.47 -12.27 30.99
CA GLY B 294 18.83 -11.72 31.10
C GLY B 294 18.86 -10.21 31.03
N LEU B 295 18.14 -9.63 30.06
CA LEU B 295 18.12 -8.16 29.94
C LEU B 295 17.59 -7.52 31.22
N GLU B 296 16.54 -8.10 31.78
CA GLU B 296 15.96 -7.56 33.01
C GLU B 296 16.98 -7.58 34.13
N ARG B 297 17.76 -8.64 34.20
CA ARG B 297 18.68 -8.76 35.30
C ARG B 297 19.91 -7.88 35.06
N SER B 298 20.17 -7.51 33.79
CA SER B 298 21.26 -6.59 33.53
C SER B 298 20.90 -5.17 33.93
N ASP B 299 19.60 -4.86 34.02
CA ASP B 299 19.10 -3.53 34.36
C ASP B 299 19.56 -2.46 33.36
N CYS B 300 19.97 -2.86 32.15
CA CYS B 300 20.40 -1.85 31.18
C CYS B 300 19.18 -1.19 30.54
N ARG B 301 19.38 0.01 29.99
CA ARG B 301 18.33 0.58 29.16
C ARG B 301 18.42 -0.07 27.79
N PHE B 302 17.26 -0.24 27.14
CA PHE B 302 17.29 -0.94 25.86
C PHE B 302 16.12 -0.52 24.98
N ILE B 303 16.28 -0.78 23.69
CA ILE B 303 15.19 -0.84 22.74
C ILE B 303 15.30 -2.21 22.07
N TRP B 304 14.24 -3.00 22.16
CA TRP B 304 14.30 -4.38 21.72
C TRP B 304 13.15 -4.67 20.76
N VAL B 305 13.49 -4.96 19.52
CA VAL B 305 12.49 -5.39 18.54
C VAL B 305 12.28 -6.87 18.83
N VAL B 306 11.21 -7.21 19.54
CA VAL B 306 11.11 -8.55 20.11
C VAL B 306 10.73 -9.53 19.03
N LYS B 307 9.54 -9.40 18.46
CA LYS B 307 9.19 -10.07 17.22
C LYS B 307 9.07 -9.00 16.16
N THR B 308 9.81 -9.16 15.05
CA THR B 308 9.83 -8.11 14.05
C THR B 308 8.64 -8.25 13.11
N SER B 309 7.93 -7.11 12.98
CA SER B 309 6.73 -6.93 12.14
C SER B 309 6.19 -5.49 12.16
N LYS B 310 6.13 -4.84 11.02
CA LYS B 310 5.79 -3.41 10.95
C LYS B 310 4.39 -3.05 11.45
N ILE B 311 3.45 -3.92 11.18
CA ILE B 311 2.11 -3.74 11.67
C ILE B 311 2.00 -5.05 12.38
N ASP B 312 1.85 -5.11 13.66
CA ASP B 312 1.18 -4.14 14.41
C ASP B 312 2.32 -3.38 15.10
N LYS B 313 1.98 -2.19 15.59
CA LYS B 313 2.56 -1.64 16.76
C LYS B 313 1.42 -2.17 17.54
N ASP B 314 1.52 -2.17 18.86
CA ASP B 314 0.67 -3.10 19.55
C ASP B 314 0.17 -2.97 20.96
N ASP B 315 -0.82 -3.80 21.12
CA ASP B 315 -1.47 -4.12 22.34
C ASP B 315 -0.52 -4.80 23.34
N LYS B 316 0.55 -5.43 22.84
CA LYS B 316 1.53 -5.98 23.73
C LYS B 316 1.07 -7.28 24.26
N SER B 317 -0.07 -7.76 23.80
CA SER B 317 -0.66 -8.91 24.40
C SER B 317 0.25 -10.10 24.27
N GLU B 318 0.85 -10.25 23.11
CA GLU B 318 1.72 -11.38 22.88
C GLU B 318 2.96 -11.29 23.78
N LEU B 319 3.47 -10.08 23.97
CA LEU B 319 4.62 -9.87 24.85
C LEU B 319 4.25 -10.19 26.30
N ARG B 320 3.08 -9.76 26.75
CA ARG B 320 2.65 -10.08 28.10
C ARG B 320 2.53 -11.59 28.30
N LYS B 321 1.93 -12.29 27.33
CA LYS B 321 1.83 -13.74 27.45
C LYS B 321 3.20 -14.38 27.45
N LEU B 322 4.09 -13.95 26.55
CA LEU B 322 5.37 -14.63 26.42
C LEU B 322 6.22 -14.44 27.68
N PHE B 323 6.34 -13.22 28.16
CA PHE B 323 7.17 -12.97 29.33
C PHE B 323 6.44 -13.24 30.65
N GLY B 324 5.11 -13.23 30.64
CA GLY B 324 4.34 -13.10 31.86
C GLY B 324 4.31 -11.66 32.34
N GLU B 325 3.31 -11.35 33.17
CA GLU B 325 3.05 -9.94 33.47
C GLU B 325 4.19 -9.31 34.27
N GLU B 326 4.73 -10.02 35.25
CA GLU B 326 5.78 -9.46 36.11
C GLU B 326 7.04 -9.11 35.30
N LEU B 327 7.54 -10.06 34.49
CA LEU B 327 8.74 -9.82 33.71
C LEU B 327 8.49 -8.76 32.63
N TYR B 328 7.31 -8.81 32.01
CA TYR B 328 6.97 -7.79 31.02
C TYR B 328 7.04 -6.40 31.63
N LEU B 329 6.45 -6.21 32.82
CA LEU B 329 6.44 -4.89 33.43
C LEU B 329 7.85 -4.45 33.86
N LYS B 330 8.64 -5.39 34.41
CA LYS B 330 10.00 -5.04 34.82
C LYS B 330 10.84 -4.63 33.62
N LEU B 331 10.76 -5.38 32.53
CA LEU B 331 11.44 -5.01 31.30
C LEU B 331 11.03 -3.60 30.84
N SER B 332 9.72 -3.34 30.86
CA SER B 332 9.19 -2.07 30.39
C SER B 332 9.56 -0.90 31.29
N GLU B 333 9.98 -1.15 32.53
CA GLU B 333 10.50 -0.06 33.37
C GLU B 333 11.83 0.47 32.83
N LYS B 334 12.62 -0.38 32.17
CA LYS B 334 13.96 -0.01 31.72
C LYS B 334 14.11 0.16 30.22
N GLY B 335 13.28 -0.47 29.41
CA GLY B 335 13.46 -0.34 27.98
C GLY B 335 12.16 -0.38 27.20
N LYS B 336 12.29 -0.39 25.89
CA LYS B 336 11.12 -0.39 25.02
C LYS B 336 11.07 -1.73 24.31
N LEU B 337 9.94 -2.41 24.43
CA LEU B 337 9.68 -3.64 23.71
C LEU B 337 8.77 -3.27 22.56
N VAL B 338 9.26 -3.40 21.33
CA VAL B 338 8.57 -2.90 20.16
C VAL B 338 8.63 -3.94 19.06
N LYS B 339 7.79 -3.76 18.06
CA LYS B 339 7.75 -4.66 16.91
C LYS B 339 8.39 -4.07 15.66
N TRP B 340 8.69 -2.78 15.64
CA TRP B 340 9.33 -2.16 14.49
C TRP B 340 9.90 -0.80 14.88
N VAL B 341 11.05 -0.46 14.32
CA VAL B 341 11.65 0.86 14.45
C VAL B 341 12.20 1.27 13.09
N ASN B 342 12.54 2.55 12.96
CA ASN B 342 13.41 2.98 11.88
C ASN B 342 14.84 2.72 12.37
N GLN B 343 15.38 1.56 11.99
CA GLN B 343 16.64 1.09 12.59
C GLN B 343 17.79 2.09 12.38
N THR B 344 17.93 2.66 11.19
CA THR B 344 19.05 3.57 10.98
C THR B 344 18.92 4.81 11.85
N GLU B 345 17.68 5.26 12.08
CA GLU B 345 17.48 6.39 12.99
C GLU B 345 17.84 6.04 14.42
N ILE B 346 17.57 4.81 14.84
CA ILE B 346 17.95 4.39 16.19
C ILE B 346 19.47 4.36 16.33
N LEU B 347 20.13 3.64 15.39
CA LEU B 347 21.57 3.45 15.45
C LEU B 347 22.33 4.76 15.34
N GLY B 348 21.73 5.78 14.73
CA GLY B 348 22.39 7.07 14.63
C GLY B 348 22.23 7.97 15.85
N HIS B 349 21.44 7.56 16.82
CA HIS B 349 21.17 8.41 17.97
C HIS B 349 22.29 8.25 19.00
N THR B 350 22.76 9.38 19.55
CA THR B 350 23.91 9.38 20.45
C THR B 350 23.65 8.60 21.73
N ALA B 351 22.40 8.38 22.09
CA ALA B 351 22.09 7.62 23.29
C ALA B 351 22.33 6.13 23.12
N VAL B 352 22.45 5.65 21.88
CA VAL B 352 22.60 4.22 21.65
C VAL B 352 24.07 3.88 21.81
N GLY B 353 24.36 2.94 22.71
CA GLY B 353 25.73 2.61 23.00
C GLY B 353 26.16 1.25 22.45
N GLY B 354 25.21 0.47 21.96
CA GLY B 354 25.54 -0.87 21.47
C GLY B 354 24.37 -1.51 20.78
N PHE B 355 24.67 -2.60 20.08
CA PHE B 355 23.75 -3.25 19.17
C PHE B 355 23.92 -4.76 19.33
N LEU B 356 22.93 -5.42 19.93
CA LEU B 356 22.87 -6.87 19.97
C LEU B 356 22.17 -7.31 18.69
N SER B 357 22.88 -8.07 17.84
CA SER B 357 22.49 -8.29 16.46
C SER B 357 22.79 -9.74 16.07
N HIS B 358 22.00 -10.27 15.13
CA HIS B 358 22.33 -11.55 14.52
C HIS B 358 23.38 -11.42 13.42
N CYS B 359 23.80 -10.18 13.10
CA CYS B 359 24.79 -9.88 12.07
C CYS B 359 24.32 -10.25 10.66
N GLY B 360 23.03 -10.11 10.40
CA GLY B 360 22.60 -9.94 9.02
C GLY B 360 23.37 -8.80 8.39
N TRP B 361 23.73 -8.91 7.12
CA TRP B 361 24.75 -8.00 6.61
C TRP B 361 24.25 -6.57 6.47
N ASN B 362 22.95 -6.37 6.25
CA ASN B 362 22.43 -5.01 6.23
C ASN B 362 22.57 -4.33 7.59
N SER B 363 22.31 -5.05 8.69
CA SER B 363 22.48 -4.45 10.01
C SER B 363 23.94 -4.16 10.30
N VAL B 364 24.84 -5.08 9.91
CA VAL B 364 26.27 -4.87 10.14
C VAL B 364 26.69 -3.56 9.51
N MET B 365 26.32 -3.36 8.24
CA MET B 365 26.79 -2.17 7.53
C MET B 365 26.12 -0.91 8.05
N GLU B 366 24.87 -1.00 8.51
CA GLU B 366 24.27 0.17 9.16
C GLU B 366 24.97 0.50 10.47
N ALA B 367 25.36 -0.52 11.23
CA ALA B 367 26.08 -0.25 12.48
C ALA B 367 27.48 0.26 12.19
N ALA B 368 28.14 -0.31 11.18
CA ALA B 368 29.48 0.15 10.80
C ALA B 368 29.47 1.63 10.47
N ARG B 369 28.51 2.07 9.65
CA ARG B 369 28.41 3.47 9.25
C ARG B 369 28.37 4.39 10.47
N ARG B 370 27.76 3.96 11.56
CA ARG B 370 27.55 4.81 12.72
C ARG B 370 28.48 4.44 13.88
N GLY B 371 29.43 3.53 13.67
CA GLY B 371 30.40 3.21 14.71
C GLY B 371 29.81 2.60 15.96
N VAL B 372 28.70 1.87 15.85
CA VAL B 372 27.99 1.33 17.00
C VAL B 372 28.57 -0.07 17.32
N PRO B 373 29.10 -0.28 18.50
CA PRO B 373 29.64 -1.61 18.83
C PRO B 373 28.55 -2.67 18.79
N ILE B 374 28.93 -3.86 18.32
CA ILE B 374 28.00 -4.95 18.08
C ILE B 374 28.31 -6.08 19.05
N LEU B 375 27.28 -6.61 19.70
CA LEU B 375 27.33 -7.92 20.35
C LEU B 375 26.72 -8.90 19.35
N ALA B 376 27.53 -9.83 18.85
CA ALA B 376 27.15 -10.67 17.73
C ALA B 376 26.66 -12.02 18.24
N TRP B 377 25.37 -12.29 18.00
CA TRP B 377 24.75 -13.59 18.28
C TRP B 377 24.22 -14.14 16.97
N PRO B 378 25.10 -14.60 16.08
CA PRO B 378 24.66 -15.05 14.76
C PRO B 378 23.82 -16.31 14.86
N GLN B 379 22.93 -16.49 13.89
CA GLN B 379 22.00 -17.60 13.94
C GLN B 379 22.18 -18.62 12.83
N HIS B 380 22.30 -18.20 11.57
CA HIS B 380 22.29 -19.14 10.47
C HIS B 380 22.81 -18.44 9.22
N GLY B 381 23.07 -19.23 8.18
CA GLY B 381 23.41 -18.68 6.89
C GLY B 381 24.78 -18.02 6.95
N ASP B 382 24.87 -16.81 6.42
CA ASP B 382 26.12 -16.06 6.37
C ASP B 382 26.47 -15.43 7.72
N GLN B 383 25.64 -15.62 8.74
CA GLN B 383 25.75 -14.75 9.91
C GLN B 383 26.99 -15.05 10.76
N ARG B 384 27.42 -16.31 10.85
CA ARG B 384 28.62 -16.58 11.64
C ARG B 384 29.86 -15.99 10.98
N GLU B 385 30.01 -16.15 9.67
CA GLU B 385 31.13 -15.51 9.00
C GLU B 385 31.04 -13.99 9.12
N ASN B 386 29.83 -13.42 8.98
CA ASN B 386 29.66 -11.99 9.17
C ASN B 386 30.11 -11.55 10.57
N ALA B 387 29.79 -12.34 11.59
CA ALA B 387 30.20 -11.99 12.96
C ALA B 387 31.72 -12.01 13.09
N TRP B 388 32.36 -13.00 12.47
CA TRP B 388 33.83 -13.01 12.45
C TRP B 388 34.38 -11.76 11.79
N VAL B 389 33.79 -11.33 10.67
CA VAL B 389 34.23 -10.09 10.01
C VAL B 389 34.10 -8.91 10.96
N VAL B 390 32.95 -8.82 11.63
CA VAL B 390 32.69 -7.77 12.61
C VAL B 390 33.75 -7.77 13.69
N GLU B 391 34.07 -8.96 14.22
CA GLU B 391 35.07 -9.04 15.29
C GLU B 391 36.46 -8.68 14.79
N LYS B 392 36.82 -9.15 13.59
CA LYS B 392 38.13 -8.87 13.03
C LYS B 392 38.32 -7.38 12.79
N ALA B 393 37.27 -6.67 12.40
CA ALA B 393 37.38 -5.25 12.11
C ALA B 393 37.43 -4.40 13.38
N GLY B 394 37.16 -4.98 14.54
CA GLY B 394 37.06 -4.18 15.74
C GLY B 394 35.74 -3.48 15.92
N LEU B 395 34.70 -3.90 15.17
CA LEU B 395 33.39 -3.32 15.34
C LEU B 395 32.60 -4.01 16.45
N GLY B 396 33.00 -5.21 16.85
CA GLY B 396 32.19 -5.89 17.85
C GLY B 396 32.86 -7.14 18.36
N VAL B 397 32.09 -7.89 19.15
CA VAL B 397 32.55 -9.14 19.75
C VAL B 397 31.51 -10.21 19.48
N TRP B 398 31.97 -11.40 19.11
CA TRP B 398 31.09 -12.49 18.75
C TRP B 398 31.04 -13.47 19.91
N GLU B 399 29.84 -13.65 20.46
CA GLU B 399 29.64 -14.63 21.53
C GLU B 399 29.35 -15.97 20.85
N ARG B 400 30.36 -16.81 20.74
CA ARG B 400 30.20 -17.98 19.86
C ARG B 400 29.17 -18.95 20.42
N GLU B 401 29.03 -19.05 21.74
CA GLU B 401 28.14 -20.04 22.30
C GLU B 401 26.99 -19.38 23.04
N TRP B 402 26.46 -18.28 22.48
CA TRP B 402 25.36 -17.56 23.14
C TRP B 402 24.18 -18.48 23.39
N ALA B 403 23.89 -19.38 22.45
CA ALA B 403 22.71 -20.21 22.57
C ALA B 403 22.80 -21.23 23.71
N SER B 404 24.00 -21.48 24.23
CA SER B 404 24.17 -22.44 25.32
C SER B 404 23.96 -21.82 26.70
N GLY B 405 23.77 -20.50 26.77
CA GLY B 405 23.61 -19.83 28.05
C GLY B 405 23.18 -18.40 27.86
N ILE B 406 21.97 -18.22 27.33
CA ILE B 406 21.51 -16.90 26.89
C ILE B 406 21.54 -15.90 28.04
N GLN B 407 21.02 -16.28 29.21
CA GLN B 407 20.90 -15.34 30.32
C GLN B 407 22.27 -14.83 30.75
N ALA B 408 23.23 -15.74 30.96
CA ALA B 408 24.58 -15.34 31.37
C ALA B 408 25.30 -14.54 30.29
N ALA B 409 25.10 -14.93 29.02
CA ALA B 409 25.79 -14.24 27.94
C ALA B 409 25.41 -12.77 27.87
N ILE B 410 24.11 -12.45 28.01
CA ILE B 410 23.69 -11.06 27.92
C ILE B 410 24.14 -10.28 29.15
N VAL B 411 23.96 -10.85 30.34
CA VAL B 411 24.36 -10.15 31.58
C VAL B 411 25.85 -9.83 31.56
N GLU B 412 26.67 -10.78 31.12
CA GLU B 412 28.11 -10.56 31.17
C GLU B 412 28.56 -9.59 30.09
N LYS B 413 28.07 -9.74 28.87
CA LYS B 413 28.64 -8.96 27.77
C LYS B 413 28.03 -7.58 27.62
N VAL B 414 26.82 -7.34 28.14
CA VAL B 414 26.28 -5.99 28.01
C VAL B 414 27.15 -5.00 28.77
N LYS B 415 27.69 -5.40 29.92
CA LYS B 415 28.63 -4.55 30.65
C LYS B 415 29.80 -4.16 29.78
N MET B 416 30.27 -5.09 28.96
CA MET B 416 31.46 -4.85 28.17
C MET B 416 31.13 -3.97 26.96
N ILE B 417 30.04 -4.23 26.29
CA ILE B 417 29.65 -3.47 25.15
C ILE B 417 29.45 -2.02 25.52
N MET B 418 28.84 -1.79 26.64
CA MET B 418 28.54 -0.46 27.07
C MET B 418 29.66 0.29 27.75
N GLY B 419 30.63 -0.41 28.26
CA GLY B 419 31.65 0.22 29.06
C GLY B 419 33.11 -0.03 28.73
N ASN B 420 33.40 -0.79 27.68
CA ASN B 420 34.76 -1.08 27.36
C ASN B 420 35.26 -0.07 26.38
N ASN B 421 36.13 0.78 26.85
CA ASN B 421 36.64 1.89 26.03
C ASN B 421 37.38 1.42 24.79
N ASP B 422 38.13 0.32 24.87
CA ASP B 422 38.87 -0.11 23.69
C ASP B 422 37.93 -0.51 22.57
N LEU B 423 36.87 -1.27 22.87
CA LEU B 423 35.91 -1.60 21.83
C LEU B 423 35.15 -0.37 21.36
N ARG B 424 34.81 0.54 22.28
CA ARG B 424 34.16 1.78 21.89
C ARG B 424 35.04 2.56 20.90
N LYS B 425 36.35 2.65 21.18
CA LYS B 425 37.25 3.37 20.28
C LYS B 425 37.40 2.66 18.94
N SER B 426 37.59 1.33 18.95
CA SER B 426 37.79 0.65 17.67
C SER B 426 36.53 0.70 16.83
N ALA B 427 35.34 0.60 17.44
CA ALA B 427 34.10 0.73 16.69
C ALA B 427 33.93 2.14 16.13
N MET B 428 34.27 3.17 16.92
CA MET B 428 34.27 4.54 16.42
C MET B 428 35.17 4.70 15.20
N LYS B 429 36.34 4.06 15.22
CA LYS B 429 37.23 4.17 14.08
C LYS B 429 36.62 3.52 12.85
N VAL B 430 35.92 2.41 13.04
CA VAL B 430 35.20 1.80 11.91
C VAL B 430 34.20 2.78 11.33
N GLY B 431 33.46 3.48 12.19
CA GLY B 431 32.52 4.48 11.71
C GLY B 431 33.19 5.59 10.93
N GLU B 432 34.35 6.06 11.41
CA GLU B 432 35.10 7.09 10.68
C GLU B 432 35.53 6.59 9.30
N GLU B 433 36.03 5.35 9.24
CA GLU B 433 36.44 4.77 7.97
C GLU B 433 35.24 4.52 7.07
N ALA B 434 34.11 4.13 7.65
CA ALA B 434 32.90 3.90 6.87
C ALA B 434 32.39 5.20 6.24
N LYS B 435 32.34 6.27 7.05
CA LYS B 435 31.95 7.58 6.54
C LYS B 435 32.90 8.06 5.45
N ARG B 436 34.21 7.94 5.71
CA ARG B 436 35.21 8.29 4.71
C ARG B 436 34.96 7.57 3.39
N ALA B 437 34.60 6.28 3.45
CA ALA B 437 34.49 5.47 2.24
C ALA B 437 33.36 5.94 1.34
N CYS B 438 32.24 6.39 1.92
CA CYS B 438 31.14 6.85 1.10
C CYS B 438 31.16 8.36 0.87
N ASP B 439 32.06 9.08 1.54
CA ASP B 439 32.22 10.52 1.32
C ASP B 439 32.91 10.79 -0.03
N VAL B 440 32.88 12.06 -0.42
CA VAL B 440 33.60 12.50 -1.61
C VAL B 440 35.05 12.06 -1.52
N GLY B 441 35.55 11.43 -2.59
CA GLY B 441 36.91 10.92 -2.59
C GLY B 441 37.10 9.60 -1.89
N GLY B 442 36.07 9.07 -1.23
CA GLY B 442 36.22 7.81 -0.53
C GLY B 442 36.41 6.64 -1.46
N SER B 443 36.91 5.54 -0.90
CA SER B 443 37.24 4.38 -1.71
C SER B 443 36.00 3.79 -2.39
N SER B 444 34.85 3.77 -1.70
CA SER B 444 33.63 3.21 -2.30
C SER B 444 32.96 4.20 -3.25
N ALA B 445 32.91 5.49 -2.88
CA ALA B 445 32.33 6.49 -3.77
C ALA B 445 33.13 6.58 -5.08
N THR B 446 34.46 6.49 -4.98
CA THR B 446 35.28 6.52 -6.18
C THR B 446 35.01 5.30 -7.07
N ALA B 447 34.87 4.12 -6.45
CA ALA B 447 34.62 2.92 -7.25
C ALA B 447 33.32 3.02 -8.02
N LEU B 448 32.25 3.48 -7.35
CA LEU B 448 30.96 3.57 -8.01
C LEU B 448 30.97 4.66 -9.08
N MET B 449 31.63 5.79 -8.80
CA MET B 449 31.76 6.82 -9.83
C MET B 449 32.53 6.32 -11.05
N ASN B 450 33.54 5.48 -10.83
CA ASN B 450 34.30 4.95 -11.97
C ASN B 450 33.44 3.99 -12.80
N ILE B 451 32.58 3.22 -12.14
CA ILE B 451 31.67 2.34 -12.89
C ILE B 451 30.72 3.17 -13.74
N ILE B 452 30.02 4.10 -13.10
CA ILE B 452 29.06 4.94 -13.82
C ILE B 452 29.77 5.79 -14.86
N GLY B 453 30.95 6.30 -14.51
CA GLY B 453 31.72 7.07 -15.48
C GLY B 453 32.05 6.27 -16.73
N SER B 454 32.34 4.97 -16.56
CA SER B 454 32.65 4.11 -17.69
C SER B 454 31.46 3.89 -18.63
N LEU B 455 30.25 4.23 -18.20
CA LEU B 455 29.09 4.07 -19.07
C LEU B 455 28.88 5.27 -19.99
N LYS B 456 29.47 6.42 -19.65
CA LYS B 456 29.41 7.61 -20.50
C LYS B 456 30.63 7.69 -21.39
#